data_7YFY
#
_entry.id   7YFY
#
loop_
_entity.id
_entity.type
_entity.pdbx_description
1 polymer 'Piwi-like protein 2'
2 polymer "RNA (5'-R(P*CP*CP*AP*UP*GP*UP*UP*GP*AP*UP*GP*GP*UP*AP*A)-3')"
3 polymer piRNA
4 non-polymer 'MAGNESIUM ION'
#
loop_
_entity_poly.entity_id
_entity_poly.type
_entity_poly.pdbx_seq_one_letter_code
_entity_poly.pdbx_strand_id
1 'polypeptide(L)'
;MDYKDDDDKGSDYKDDDDKGSDYKDDDDKGSENLYFQGKELLVKQGSKGTPQSLGLNLIKIQCHNEAVYQYHVTFSPSVE
CKSMRFGMLKDHQSVTGNVTAFDGSILYLPVKLQQVVELKSQRKTDDAEISIKIQLTKILEPCSDLCIPFYNVVFRRVMK
LLDMKLVGRNFYDPTSAMVLQQHRLQIWPGYAASIRRTDGGLFLLADVSHKVIRNDSVLDVMHAIYQQNKEHFQDECSKL
LVGSIVITRYNNRTYRIDDVDWNKTPKDSFVMSDGKEITFLEYYSKNYGITVKEDDQPLLIHRPSERQNNHGMLLKGEIL
LLPELSFMTGIPEKMKKDFRAMKDLTQQINLSPKQHHGALECLLQRISQNETASNELTRWGLSLHKDVHKIEGRLLPMER
INLRNTSFVTSEDLNWVKEVTRDASILTIPMHFWALFYPKRAMDQARELVNMLEKIAGPIGMRISPPAWVELKDDRIETY
IRTIQSLLGVEGKIQMVVCIIMGTRDDLYGAIKKLCCVQSPVPSQVINVRTIGQPTRLRSVAQKILLQMNCKLGGELWGV
DIPLKQLMVIGMDVYHDPSRGMRSVVGFVASINLTLTKWYSRVVFQMPHQEIVDSLKLCLVGSLKKYYEVNHCLPEKIVV
YRDGVSDGQLKTVANYEIPQLQKCFEAFDNYHPKMVVFVVQKKISTNLYLAAPDHFVTPSPGTVVDHTITSCEWVDFYLL
AHHVRQGCGIPTHYICVLNTANLSPDHMQRLTFKLCHMYWNWPGTIRVPAPCKYAHKLAFLSGQILHHEPAIQLCGNLFF
L
;
A
2 'polyribonucleotide' CCAUGUUGAUGGUAA C
3 'polyribonucleotide' UUACCAUCAACAUGGAAACUUGGCU(OMC) B
#
# COMPACT_ATOMS: atom_id res chain seq x y z
N LYS A 44 -5.60 26.22 -2.00
CA LYS A 44 -5.56 24.84 -2.47
C LYS A 44 -6.95 24.22 -2.39
N GLN A 45 -7.97 25.01 -2.74
CA GLN A 45 -9.35 24.58 -2.70
C GLN A 45 -10.04 25.02 -3.99
N GLY A 46 -11.10 24.29 -4.34
CA GLY A 46 -11.84 24.57 -5.56
C GLY A 46 -13.23 23.97 -5.52
N SER A 47 -14.06 24.41 -6.47
CA SER A 47 -15.43 23.95 -6.61
C SER A 47 -15.61 23.31 -7.98
N LYS A 48 -16.01 22.03 -7.98
CA LYS A 48 -16.23 21.30 -9.23
C LYS A 48 -17.52 20.50 -9.27
N GLY A 49 -18.14 20.16 -8.14
CA GLY A 49 -19.34 19.36 -8.16
C GLY A 49 -20.19 19.50 -6.91
N THR A 50 -21.16 18.59 -6.75
CA THR A 50 -22.04 18.65 -5.59
C THR A 50 -21.25 18.30 -4.33
N PRO A 51 -21.40 19.06 -3.24
CA PRO A 51 -20.68 18.70 -2.01
C PRO A 51 -21.22 17.43 -1.39
N GLN A 52 -20.42 16.84 -0.51
CA GLN A 52 -20.70 15.59 0.16
C GLN A 52 -20.24 15.71 1.60
N SER A 53 -21.09 15.29 2.53
CA SER A 53 -20.82 15.39 3.96
C SER A 53 -20.16 14.08 4.40
N LEU A 54 -18.84 14.04 4.31
CA LEU A 54 -18.09 12.84 4.66
C LEU A 54 -17.83 12.82 6.16
N GLY A 55 -17.02 11.85 6.58
CA GLY A 55 -16.56 11.77 7.95
C GLY A 55 -15.37 10.85 8.03
N LEU A 56 -14.28 11.30 8.65
CA LEU A 56 -13.06 10.52 8.71
C LEU A 56 -13.03 9.72 10.00
N ASN A 57 -11.98 8.89 10.14
CA ASN A 57 -11.65 8.29 11.42
C ASN A 57 -10.62 9.13 12.16
N LEU A 58 -10.90 10.43 12.25
CA LEU A 58 -9.97 11.41 12.80
C LEU A 58 -10.64 12.17 13.93
N ILE A 59 -9.89 12.40 15.01
CA ILE A 59 -10.39 13.09 16.19
C ILE A 59 -9.51 14.31 16.44
N LYS A 60 -10.13 15.48 16.50
CA LYS A 60 -9.37 16.72 16.64
C LYS A 60 -8.92 16.92 18.08
N ILE A 61 -7.68 17.34 18.25
CA ILE A 61 -7.11 17.66 19.57
C ILE A 61 -7.01 19.17 19.68
N GLN A 62 -7.64 19.72 20.70
CA GLN A 62 -7.70 21.17 20.90
C GLN A 62 -6.60 21.59 21.86
N CYS A 63 -5.61 22.33 21.34
CA CYS A 63 -4.57 22.92 22.18
C CYS A 63 -5.11 24.22 22.75
N HIS A 64 -4.96 24.40 24.07
CA HIS A 64 -5.57 25.53 24.76
C HIS A 64 -4.61 26.71 24.90
N ASN A 65 -3.48 26.49 25.57
CA ASN A 65 -2.55 27.57 25.87
C ASN A 65 -1.64 27.83 24.67
N GLU A 66 -0.74 28.81 24.82
CA GLU A 66 0.38 29.05 23.92
C GLU A 66 1.59 29.13 24.84
N ALA A 67 2.11 27.95 25.23
CA ALA A 67 3.17 27.92 26.24
C ALA A 67 4.27 26.90 25.97
N VAL A 68 4.24 26.18 24.84
CA VAL A 68 5.21 25.12 24.60
C VAL A 68 6.56 25.75 24.38
N TYR A 69 7.49 25.48 25.31
CA TYR A 69 8.79 26.15 25.34
C TYR A 69 9.91 25.10 25.28
N GLN A 70 10.72 25.15 24.22
CA GLN A 70 11.91 24.32 24.15
C GLN A 70 13.00 24.83 25.08
N TYR A 71 13.82 23.92 25.63
CA TYR A 71 14.93 24.35 26.48
C TYR A 71 16.12 23.42 26.20
N HIS A 72 17.30 24.00 26.00
CA HIS A 72 18.53 23.24 26.15
C HIS A 72 18.80 22.93 27.62
N VAL A 73 19.32 21.74 27.87
CA VAL A 73 19.90 21.35 29.14
C VAL A 73 21.37 21.00 28.90
N THR A 74 22.24 21.44 29.79
CA THR A 74 23.65 21.07 29.75
C THR A 74 24.18 20.96 31.16
N PHE A 75 25.29 20.24 31.31
CA PHE A 75 25.95 20.04 32.60
C PHE A 75 27.40 20.48 32.48
N SER A 76 27.83 21.34 33.39
CA SER A 76 29.20 21.86 33.31
C SER A 76 30.23 20.84 33.79
N PRO A 77 30.06 20.15 34.92
CA PRO A 77 30.76 18.89 35.12
C PRO A 77 30.13 17.78 34.30
N SER A 78 30.95 16.77 34.00
CA SER A 78 30.55 15.68 33.12
C SER A 78 29.76 14.64 33.90
N VAL A 79 28.58 14.30 33.42
CA VAL A 79 27.79 13.18 33.91
C VAL A 79 27.65 12.19 32.76
N GLU A 80 28.11 10.96 32.98
CA GLU A 80 28.12 9.97 31.91
C GLU A 80 26.78 9.24 31.79
N CYS A 81 26.10 9.03 32.92
CA CYS A 81 24.92 8.18 32.93
C CYS A 81 23.67 8.96 32.54
N LYS A 82 22.97 8.44 31.54
CA LYS A 82 21.68 9.03 31.15
C LYS A 82 20.65 8.94 32.27
N SER A 83 20.59 7.78 32.94
CA SER A 83 19.66 7.61 34.04
C SER A 83 19.91 8.64 35.13
N MET A 84 21.19 8.97 35.36
CA MET A 84 21.49 9.99 36.34
C MET A 84 20.97 11.35 35.89
N ARG A 85 21.06 11.65 34.60
CA ARG A 85 20.50 12.92 34.13
C ARG A 85 18.99 12.97 34.38
N PHE A 86 18.31 11.84 34.14
CA PHE A 86 16.87 11.81 34.40
C PHE A 86 16.58 12.05 35.88
N GLY A 87 17.34 11.39 36.77
CA GLY A 87 17.15 11.61 38.19
C GLY A 87 17.46 13.04 38.61
N MET A 88 18.51 13.62 38.02
CA MET A 88 18.88 14.99 38.32
C MET A 88 17.76 15.94 37.96
N LEU A 89 17.12 15.73 36.81
CA LEU A 89 15.92 16.51 36.50
C LEU A 89 14.82 16.23 37.52
N LYS A 90 14.68 14.97 37.95
CA LYS A 90 13.57 14.62 38.84
C LYS A 90 13.65 15.40 40.15
N ASP A 91 14.83 15.45 40.76
CA ASP A 91 14.92 16.08 42.08
C ASP A 91 14.64 17.59 42.01
N HIS A 92 14.97 18.22 40.87
CA HIS A 92 14.77 19.65 40.69
C HIS A 92 13.43 19.99 40.03
N GLN A 93 12.51 19.03 39.96
CA GLN A 93 11.27 19.25 39.20
C GLN A 93 10.38 20.31 39.83
N SER A 94 10.60 20.67 41.09
CA SER A 94 9.73 21.64 41.76
C SER A 94 9.78 22.99 41.05
N VAL A 95 10.98 23.46 40.69
CA VAL A 95 11.10 24.74 40.01
C VAL A 95 10.47 24.66 38.62
N THR A 96 10.75 23.58 37.89
CA THR A 96 10.24 23.45 36.54
C THR A 96 8.74 23.16 36.54
N GLY A 97 8.29 22.32 37.46
CA GLY A 97 6.94 21.77 37.44
C GLY A 97 7.00 20.26 37.19
N ASN A 98 5.80 19.67 37.20
CA ASN A 98 5.65 18.23 37.03
C ASN A 98 5.26 17.84 35.60
N VAL A 99 5.30 18.78 34.67
CA VAL A 99 4.91 18.51 33.28
C VAL A 99 6.17 18.34 32.44
N THR A 100 7.29 18.00 33.08
CA THR A 100 8.55 17.90 32.37
C THR A 100 8.58 16.68 31.47
N ALA A 101 8.88 16.89 30.19
CA ALA A 101 9.14 15.83 29.24
C ALA A 101 10.59 15.93 28.80
N PHE A 102 11.33 14.84 28.92
CA PHE A 102 12.79 14.89 28.85
C PHE A 102 13.29 13.65 28.14
N ASP A 103 14.10 13.84 27.09
CA ASP A 103 14.69 12.75 26.33
C ASP A 103 16.20 12.61 26.58
N GLY A 104 16.84 13.59 27.21
CA GLY A 104 18.24 13.50 27.57
C GLY A 104 19.02 14.76 27.35
N SER A 105 18.64 15.55 26.34
CA SER A 105 19.35 16.78 25.99
C SER A 105 18.46 17.98 25.77
N ILE A 106 17.17 17.80 25.46
CA ILE A 106 16.24 18.89 25.24
C ILE A 106 15.01 18.64 26.07
N LEU A 107 14.46 19.70 26.67
CA LEU A 107 13.33 19.62 27.58
C LEU A 107 12.18 20.46 27.02
N TYR A 108 10.97 19.96 27.16
CA TYR A 108 9.76 20.66 26.74
C TYR A 108 8.90 20.96 27.96
N LEU A 109 8.49 22.21 28.10
CA LEU A 109 7.80 22.68 29.29
C LEU A 109 6.69 23.64 28.88
N PRO A 110 5.43 23.46 29.36
CA PRO A 110 4.39 24.44 29.05
C PRO A 110 4.26 25.55 30.11
N VAL A 111 5.37 26.15 30.52
CA VAL A 111 5.34 27.30 31.40
C VAL A 111 6.69 28.01 31.35
N LYS A 112 6.64 29.33 31.45
CA LYS A 112 7.81 30.16 31.23
C LYS A 112 8.80 30.05 32.38
N LEU A 113 10.09 30.03 32.05
CA LEU A 113 11.17 30.16 33.01
C LEU A 113 12.07 31.31 32.57
N GLN A 114 12.97 31.70 33.47
CA GLN A 114 13.96 32.72 33.12
C GLN A 114 14.87 32.18 32.02
N GLN A 115 15.45 33.10 31.24
CA GLN A 115 16.24 32.70 30.08
C GLN A 115 17.40 31.81 30.48
N VAL A 116 18.09 32.15 31.57
CA VAL A 116 19.18 31.35 32.12
C VAL A 116 18.75 30.85 33.48
N VAL A 117 18.79 29.53 33.66
CA VAL A 117 18.44 28.89 34.93
C VAL A 117 19.60 28.01 35.34
N GLU A 118 20.15 28.25 36.52
CA GLU A 118 21.30 27.52 37.04
C GLU A 118 20.91 26.83 38.34
N LEU A 119 20.95 25.50 38.35
CA LEU A 119 20.66 24.71 39.53
C LEU A 119 21.87 23.85 39.84
N LYS A 120 21.98 23.42 41.10
CA LYS A 120 23.14 22.68 41.56
C LYS A 120 22.71 21.49 42.40
N SER A 121 23.56 20.47 42.42
CA SER A 121 23.30 19.24 43.17
C SER A 121 24.61 18.47 43.27
N GLN A 122 24.54 17.28 43.86
CA GLN A 122 25.71 16.44 44.10
C GLN A 122 25.55 15.11 43.39
N ARG A 123 26.63 14.63 42.77
CA ARG A 123 26.62 13.32 42.14
C ARG A 123 26.67 12.21 43.18
N LYS A 124 26.09 11.07 42.83
CA LYS A 124 26.06 9.93 43.73
C LYS A 124 27.32 9.09 43.62
N THR A 125 27.96 9.09 42.44
CA THR A 125 29.11 8.24 42.18
C THR A 125 30.42 8.95 42.54
N ASP A 126 30.68 10.08 41.89
CA ASP A 126 31.92 10.84 42.10
C ASP A 126 31.78 11.92 43.17
N ASP A 127 30.57 12.19 43.66
CA ASP A 127 30.34 13.20 44.70
C ASP A 127 30.86 14.57 44.26
N ALA A 128 30.68 14.92 43.00
CA ALA A 128 31.07 16.21 42.46
C ALA A 128 29.88 17.17 42.46
N GLU A 129 30.21 18.47 42.50
CA GLU A 129 29.19 19.52 42.52
C GLU A 129 28.68 19.71 41.09
N ILE A 130 27.68 18.92 40.73
CA ILE A 130 27.11 18.99 39.39
C ILE A 130 26.22 20.22 39.29
N SER A 131 26.53 21.09 38.34
CA SER A 131 25.84 22.37 38.14
C SER A 131 25.11 22.30 36.80
N ILE A 132 23.81 22.05 36.85
CA ILE A 132 23.01 21.94 35.64
C ILE A 132 22.60 23.35 35.19
N LYS A 133 22.73 23.59 33.88
CA LYS A 133 22.37 24.84 33.26
C LYS A 133 21.26 24.57 32.24
N ILE A 134 20.19 25.36 32.31
CA ILE A 134 19.05 25.21 31.43
C ILE A 134 18.78 26.56 30.77
N GLN A 135 18.63 26.56 29.45
CA GLN A 135 18.50 27.78 28.68
C GLN A 135 17.37 27.68 27.68
N LEU A 136 16.74 28.82 27.41
CA LEU A 136 15.66 28.89 26.43
C LEU A 136 16.20 28.65 25.03
N THR A 137 15.35 28.11 24.17
CA THR A 137 15.69 27.85 22.77
C THR A 137 14.86 28.70 21.81
N LYS A 138 13.54 28.57 21.89
CA LYS A 138 12.63 29.19 20.93
C LYS A 138 11.22 29.06 21.49
N ILE A 139 10.26 29.62 20.77
CA ILE A 139 8.85 29.51 21.13
C ILE A 139 8.08 29.14 19.87
N LEU A 140 7.28 28.08 19.97
CA LEU A 140 6.56 27.53 18.83
C LEU A 140 5.12 27.28 19.23
N GLU A 141 4.24 27.32 18.24
CA GLU A 141 2.83 27.08 18.52
C GLU A 141 2.66 25.65 19.01
N PRO A 142 1.65 25.37 19.85
CA PRO A 142 1.54 24.03 20.44
C PRO A 142 1.28 22.94 19.41
N CYS A 143 0.87 23.30 18.20
CA CYS A 143 0.70 22.38 17.08
C CYS A 143 1.62 22.87 15.97
N SER A 144 2.87 22.41 16.00
CA SER A 144 3.90 22.93 15.11
C SER A 144 4.74 21.83 14.45
N ASP A 145 4.34 20.56 14.60
CA ASP A 145 4.96 19.41 13.94
C ASP A 145 6.30 19.04 14.59
N LEU A 146 6.79 19.82 15.55
CA LEU A 146 8.03 19.52 16.25
C LEU A 146 7.80 18.98 17.65
N CYS A 147 6.64 19.24 18.26
CA CYS A 147 6.28 18.72 19.56
C CYS A 147 5.40 17.47 19.47
N ILE A 148 5.24 16.90 18.29
CA ILE A 148 4.46 15.69 18.06
C ILE A 148 5.00 14.49 18.85
N PRO A 149 6.30 14.15 18.74
CA PRO A 149 6.73 12.81 19.14
C PRO A 149 6.75 12.53 20.63
N PHE A 150 6.39 13.50 21.47
CA PHE A 150 6.10 13.23 22.87
C PHE A 150 4.64 13.45 23.23
N TYR A 151 3.91 14.25 22.44
CA TYR A 151 2.45 14.22 22.56
C TYR A 151 1.92 12.82 22.29
N ASN A 152 2.54 12.11 21.34
CA ASN A 152 2.12 10.73 21.10
C ASN A 152 2.40 9.87 22.33
N VAL A 153 3.52 10.10 23.01
CA VAL A 153 3.81 9.36 24.24
C VAL A 153 2.75 9.65 25.30
N VAL A 154 2.32 10.92 25.39
CA VAL A 154 1.27 11.29 26.34
C VAL A 154 -0.01 10.51 26.03
N PHE A 155 -0.39 10.44 24.77
CA PHE A 155 -1.61 9.69 24.43
C PHE A 155 -1.45 8.20 24.74
N ARG A 156 -0.27 7.64 24.47
CA ARG A 156 -0.06 6.22 24.73
C ARG A 156 -0.15 5.91 26.22
N ARG A 157 0.39 6.82 27.05
CA ARG A 157 0.19 6.66 28.49
C ARG A 157 -1.28 6.74 28.85
N VAL A 158 -2.01 7.67 28.22
CA VAL A 158 -3.45 7.78 28.51
C VAL A 158 -4.15 6.46 28.20
N MET A 159 -3.76 5.81 27.11
CA MET A 159 -4.29 4.48 26.83
C MET A 159 -3.90 3.46 27.90
N LYS A 160 -2.63 3.50 28.34
CA LYS A 160 -2.20 2.54 29.35
C LYS A 160 -3.00 2.70 30.65
N LEU A 161 -3.36 3.93 30.99
CA LEU A 161 -4.20 4.14 32.17
C LEU A 161 -5.58 3.52 32.02
N LEU A 162 -6.01 3.24 30.79
CA LEU A 162 -7.33 2.68 30.52
C LEU A 162 -7.32 1.15 30.50
N ASP A 163 -6.25 0.51 30.95
CA ASP A 163 -6.14 -0.95 30.98
C ASP A 163 -6.29 -1.51 29.55
N MET A 164 -5.28 -1.26 28.73
CA MET A 164 -5.15 -1.85 27.40
C MET A 164 -3.73 -2.35 27.23
N LYS A 165 -3.58 -3.53 26.64
CA LYS A 165 -2.26 -4.10 26.47
C LYS A 165 -1.54 -3.41 25.31
N LEU A 166 -0.24 -3.66 25.22
CA LEU A 166 0.64 -2.95 24.28
C LEU A 166 1.36 -3.90 23.33
N VAL A 167 0.62 -4.78 22.67
CA VAL A 167 1.23 -5.72 21.73
C VAL A 167 1.65 -4.98 20.48
N GLY A 168 2.88 -5.20 20.05
CA GLY A 168 3.35 -4.53 18.85
C GLY A 168 3.27 -3.03 19.01
N ARG A 169 2.32 -2.41 18.30
CA ARG A 169 2.03 -0.99 18.42
C ARG A 169 0.53 -0.72 18.62
N ASN A 170 -0.25 -1.76 18.88
CA ASN A 170 -1.71 -1.65 19.00
C ASN A 170 -2.14 -1.84 20.43
N PHE A 171 -3.36 -1.38 20.73
CA PHE A 171 -3.99 -1.53 22.03
C PHE A 171 -5.18 -2.48 21.89
N TYR A 172 -5.07 -3.65 22.51
CA TYR A 172 -6.12 -4.66 22.50
C TYR A 172 -6.80 -4.73 23.85
N ASP A 173 -8.14 -4.77 23.83
CA ASP A 173 -8.93 -4.81 25.05
C ASP A 173 -9.34 -6.25 25.33
N PRO A 174 -8.84 -6.90 26.40
CA PRO A 174 -9.16 -8.32 26.56
C PRO A 174 -10.59 -8.59 26.98
N THR A 175 -11.13 -7.82 27.91
CA THR A 175 -12.44 -8.16 28.49
C THR A 175 -13.55 -8.09 27.45
N SER A 176 -13.55 -7.06 26.61
CA SER A 176 -14.59 -6.89 25.59
C SER A 176 -14.22 -7.70 24.35
N ALA A 177 -14.30 -9.02 24.50
CA ALA A 177 -13.94 -9.97 23.46
C ALA A 177 -15.08 -10.93 23.22
N MET A 178 -15.12 -11.47 22.00
CA MET A 178 -16.18 -12.38 21.57
C MET A 178 -15.62 -13.79 21.48
N VAL A 179 -16.28 -14.74 22.14
CA VAL A 179 -15.84 -16.13 22.16
C VAL A 179 -16.82 -16.94 21.32
N LEU A 180 -16.34 -17.49 20.21
CA LEU A 180 -17.14 -18.41 19.42
C LEU A 180 -17.09 -19.82 20.00
N GLN A 181 -15.90 -20.26 20.41
CA GLN A 181 -15.67 -21.52 21.10
C GLN A 181 -15.91 -22.74 20.20
N GLN A 182 -16.10 -22.54 18.89
CA GLN A 182 -16.28 -23.67 17.99
C GLN A 182 -15.03 -24.54 17.94
N HIS A 183 -13.85 -23.92 17.93
CA HIS A 183 -12.57 -24.61 18.02
C HIS A 183 -11.80 -24.09 19.22
N ARG A 184 -12.52 -23.73 20.29
CA ARG A 184 -11.93 -23.10 21.47
C ARG A 184 -11.22 -21.81 21.07
N LEU A 185 -12.00 -20.84 20.59
CA LEU A 185 -11.48 -19.62 19.99
C LEU A 185 -12.17 -18.39 20.58
N GLN A 186 -11.38 -17.46 21.11
CA GLN A 186 -11.86 -16.16 21.58
C GLN A 186 -11.09 -15.09 20.82
N ILE A 187 -11.82 -14.20 20.16
CA ILE A 187 -11.21 -13.09 19.44
C ILE A 187 -11.38 -11.83 20.28
N TRP A 188 -10.25 -11.18 20.60
CA TRP A 188 -10.31 -9.89 21.28
C TRP A 188 -9.96 -8.78 20.31
N PRO A 189 -10.64 -7.64 20.35
CA PRO A 189 -10.38 -6.57 19.38
C PRO A 189 -9.34 -5.59 19.90
N GLY A 190 -8.98 -4.65 19.04
CA GLY A 190 -8.09 -3.58 19.43
C GLY A 190 -8.02 -2.56 18.32
N TYR A 191 -7.43 -1.42 18.65
CA TYR A 191 -7.37 -0.31 17.71
C TYR A 191 -6.10 0.49 17.95
N ALA A 192 -5.34 0.68 16.89
CA ALA A 192 -4.17 1.54 16.90
C ALA A 192 -4.62 3.00 16.85
N ALA A 193 -3.81 3.86 17.47
CA ALA A 193 -4.14 5.28 17.54
C ALA A 193 -2.83 6.06 17.60
N SER A 194 -2.69 7.05 16.72
CA SER A 194 -1.52 7.90 16.68
C SER A 194 -1.94 9.33 16.39
N ILE A 195 -1.23 10.28 16.99
CA ILE A 195 -1.49 11.70 16.81
C ILE A 195 -0.52 12.21 15.75
N ARG A 196 -1.08 12.81 14.70
CA ARG A 196 -0.31 13.47 13.65
C ARG A 196 -0.82 14.89 13.52
N ARG A 197 -0.09 15.70 12.76
CA ARG A 197 -0.46 17.08 12.50
C ARG A 197 -0.71 17.24 11.01
N THR A 198 -1.82 17.88 10.67
CA THR A 198 -2.16 18.25 9.32
C THR A 198 -2.43 19.75 9.27
N ASP A 199 -2.76 20.24 8.08
CA ASP A 199 -3.00 21.70 7.90
C ASP A 199 -4.09 22.17 8.89
N GLY A 200 -5.05 21.30 9.22
CA GLY A 200 -6.13 21.71 10.09
C GLY A 200 -5.76 21.75 11.56
N GLY A 201 -4.69 21.07 11.95
CA GLY A 201 -4.23 21.10 13.32
C GLY A 201 -3.74 19.72 13.76
N LEU A 202 -3.86 19.46 15.05
CA LEU A 202 -3.52 18.17 15.63
C LEU A 202 -4.71 17.24 15.49
N PHE A 203 -4.55 16.16 14.71
CA PHE A 203 -5.57 15.15 14.55
C PHE A 203 -5.05 13.82 15.08
N LEU A 204 -5.99 12.98 15.49
CA LEU A 204 -5.71 11.64 16.02
C LEU A 204 -6.32 10.64 15.06
N LEU A 205 -5.45 9.87 14.40
CA LEU A 205 -5.84 8.80 13.50
C LEU A 205 -5.97 7.52 14.32
N ALA A 206 -7.19 6.98 14.39
CA ALA A 206 -7.46 5.76 15.13
C ALA A 206 -8.19 4.78 14.22
N ASP A 207 -7.75 3.53 14.21
CA ASP A 207 -8.34 2.51 13.36
C ASP A 207 -8.21 1.14 14.00
N VAL A 208 -9.18 0.28 13.72
CA VAL A 208 -9.34 -0.98 14.44
C VAL A 208 -8.55 -2.08 13.75
N SER A 209 -8.04 -3.02 14.57
CA SER A 209 -7.42 -4.24 14.08
C SER A 209 -7.70 -5.32 15.10
N HIS A 210 -8.28 -6.43 14.65
CA HIS A 210 -8.77 -7.49 15.51
C HIS A 210 -7.70 -8.56 15.65
N LYS A 211 -7.58 -9.16 16.84
CA LYS A 211 -6.64 -10.27 17.02
C LYS A 211 -7.35 -11.45 17.68
N VAL A 212 -7.00 -12.64 17.21
CA VAL A 212 -7.68 -13.87 17.57
C VAL A 212 -6.75 -14.71 18.43
N ILE A 213 -7.29 -15.34 19.47
CA ILE A 213 -6.54 -16.15 20.40
C ILE A 213 -7.42 -17.36 20.72
N ARG A 214 -6.81 -18.46 21.15
CA ARG A 214 -7.59 -19.62 21.55
C ARG A 214 -7.91 -19.49 23.04
N ASN A 215 -8.47 -20.54 23.63
CA ASN A 215 -8.48 -20.68 25.09
C ASN A 215 -7.81 -21.95 25.57
N ASP A 216 -7.39 -22.83 24.67
CA ASP A 216 -6.47 -23.90 25.06
C ASP A 216 -5.05 -23.37 25.05
N SER A 217 -4.32 -23.70 26.10
CA SER A 217 -2.90 -23.38 26.13
C SER A 217 -2.16 -24.33 25.20
N VAL A 218 -0.90 -24.00 24.92
CA VAL A 218 -0.08 -24.93 24.14
C VAL A 218 0.14 -26.21 24.90
N LEU A 219 0.01 -26.17 26.23
CA LEU A 219 0.18 -27.37 27.03
C LEU A 219 -0.87 -28.43 26.69
N ASP A 220 -2.12 -28.00 26.49
CA ASP A 220 -3.16 -28.95 26.10
C ASP A 220 -2.87 -29.57 24.75
N VAL A 221 -2.36 -28.77 23.81
CA VAL A 221 -2.01 -29.31 22.50
C VAL A 221 -0.85 -30.28 22.62
N MET A 222 0.13 -29.97 23.48
CA MET A 222 1.23 -30.90 23.70
C MET A 222 0.73 -32.20 24.32
N HIS A 223 -0.25 -32.12 25.21
CA HIS A 223 -0.85 -33.34 25.77
C HIS A 223 -1.53 -34.14 24.67
N ALA A 224 -2.21 -33.46 23.75
CA ALA A 224 -2.80 -34.15 22.61
C ALA A 224 -1.73 -34.84 21.77
N ILE A 225 -0.61 -34.16 21.56
CA ILE A 225 0.50 -34.73 20.79
C ILE A 225 1.08 -35.94 21.50
N TYR A 226 1.14 -35.89 22.84
CA TYR A 226 1.70 -37.01 23.59
C TYR A 226 0.75 -38.21 23.57
N GLN A 227 -0.56 -37.97 23.71
CA GLN A 227 -1.49 -39.08 23.78
C GLN A 227 -1.72 -39.71 22.41
N GLN A 228 -1.74 -38.91 21.35
CA GLN A 228 -1.95 -39.49 20.02
C GLN A 228 -0.79 -40.40 19.63
N ASN A 229 0.44 -39.97 19.93
CA ASN A 229 1.69 -40.70 19.65
C ASN A 229 1.67 -41.60 18.42
N ASP A 235 6.48 -36.43 21.10
CA ASP A 235 6.91 -35.19 20.47
C ASP A 235 6.88 -35.32 18.94
N GLU A 236 5.98 -36.16 18.44
CA GLU A 236 5.86 -36.35 17.00
C GLU A 236 5.44 -35.05 16.31
N CYS A 237 4.46 -34.34 16.89
CA CYS A 237 3.88 -33.15 16.32
C CYS A 237 4.32 -31.86 17.02
N SER A 238 5.32 -31.93 17.88
CA SER A 238 5.92 -30.70 18.38
C SER A 238 6.58 -29.89 17.26
N LYS A 239 6.92 -30.54 16.14
CA LYS A 239 7.61 -29.85 15.06
C LYS A 239 6.78 -28.70 14.51
N LEU A 240 5.45 -28.77 14.62
CA LEU A 240 4.62 -27.71 14.07
C LEU A 240 4.69 -26.43 14.91
N LEU A 241 5.25 -26.51 16.13
CA LEU A 241 5.34 -25.31 16.95
C LEU A 241 6.27 -24.26 16.37
N VAL A 242 7.18 -24.64 15.47
CA VAL A 242 8.10 -23.68 14.88
C VAL A 242 7.32 -22.63 14.11
N GLY A 243 7.74 -21.37 14.25
CA GLY A 243 7.09 -20.29 13.56
C GLY A 243 5.72 -19.93 14.07
N SER A 244 5.34 -20.41 15.25
CA SER A 244 4.04 -20.15 15.84
C SER A 244 4.17 -19.02 16.86
N ILE A 245 3.46 -17.92 16.62
CA ILE A 245 3.42 -16.82 17.58
C ILE A 245 2.64 -17.27 18.81
N VAL A 246 3.22 -17.03 19.98
CA VAL A 246 2.62 -17.42 21.26
C VAL A 246 2.48 -16.18 22.13
N ILE A 247 1.53 -16.25 23.07
CA ILE A 247 1.02 -15.10 23.78
C ILE A 247 0.89 -15.49 25.25
N THR A 248 0.77 -14.48 26.12
CA THR A 248 0.79 -14.70 27.56
C THR A 248 -0.51 -14.26 28.26
N ARG A 249 -1.57 -14.02 27.49
CA ARG A 249 -2.87 -13.66 28.06
C ARG A 249 -2.82 -12.31 28.78
N TYR A 250 -2.30 -12.29 30.01
CA TYR A 250 -2.07 -11.00 30.69
C TYR A 250 -1.32 -10.10 29.71
N ASN A 251 -0.66 -10.70 28.71
CA ASN A 251 0.02 -9.93 27.64
C ASN A 251 1.07 -8.94 28.16
N ASN A 252 2.07 -9.41 28.92
CA ASN A 252 3.19 -8.51 29.33
C ASN A 252 4.23 -8.63 28.22
N ARG A 253 4.15 -9.71 27.44
CA ARG A 253 5.04 -9.97 26.32
C ARG A 253 4.35 -10.83 25.28
N THR A 254 4.85 -10.75 24.04
CA THR A 254 4.48 -11.63 22.95
C THR A 254 5.77 -12.32 22.49
N TYR A 255 5.65 -13.51 21.90
CA TYR A 255 6.82 -14.28 21.56
C TYR A 255 6.59 -15.11 20.30
N ARG A 256 7.69 -15.59 19.73
CA ARG A 256 7.68 -16.57 18.66
C ARG A 256 8.64 -17.68 19.06
N ILE A 257 8.49 -18.85 18.45
CA ILE A 257 9.27 -20.00 18.88
C ILE A 257 9.79 -20.79 17.69
N ASP A 258 10.93 -21.46 17.92
CA ASP A 258 11.63 -22.26 16.93
C ASP A 258 11.59 -23.75 17.25
N ASP A 259 11.80 -24.13 18.51
CA ASP A 259 11.85 -25.53 18.89
C ASP A 259 11.50 -25.67 20.37
N VAL A 260 11.37 -26.92 20.80
CA VAL A 260 11.00 -27.26 22.18
C VAL A 260 11.92 -28.38 22.65
N ASP A 261 12.39 -28.28 23.89
CA ASP A 261 13.15 -29.34 24.54
C ASP A 261 12.30 -29.93 25.66
N TRP A 262 12.52 -31.21 25.95
CA TRP A 262 11.55 -31.95 26.75
C TRP A 262 11.92 -32.01 28.22
N ASN A 263 13.22 -32.14 28.52
CA ASN A 263 13.67 -32.47 29.87
C ASN A 263 14.75 -31.53 30.40
N LYS A 264 14.84 -30.30 29.87
CA LYS A 264 15.91 -29.41 30.31
C LYS A 264 15.62 -28.85 31.69
N THR A 265 14.50 -28.12 31.86
CA THR A 265 14.14 -27.54 33.14
C THR A 265 12.67 -27.69 33.48
N PRO A 266 12.10 -28.91 33.49
CA PRO A 266 10.71 -29.02 33.98
C PRO A 266 10.60 -28.86 35.49
N LYS A 267 11.37 -29.62 36.26
CA LYS A 267 11.35 -29.57 37.72
C LYS A 267 12.42 -28.68 38.32
N ASP A 268 13.26 -28.07 37.49
CA ASP A 268 14.42 -27.35 37.99
C ASP A 268 14.01 -26.04 38.64
N SER A 269 15.01 -25.34 39.19
CA SER A 269 14.84 -24.05 39.82
C SER A 269 15.55 -22.98 38.98
N PHE A 270 14.87 -21.86 38.76
CA PHE A 270 15.49 -20.80 37.98
C PHE A 270 16.55 -20.08 38.82
N VAL A 271 17.37 -19.29 38.12
CA VAL A 271 18.37 -18.48 38.79
C VAL A 271 17.66 -17.46 39.68
N MET A 272 18.32 -17.08 40.77
CA MET A 272 17.77 -16.15 41.75
C MET A 272 17.35 -14.86 41.06
N ILE A 278 16.20 -19.83 43.20
CA ILE A 278 14.77 -19.82 43.54
C ILE A 278 14.04 -20.74 42.56
N THR A 279 13.00 -21.41 43.05
CA THR A 279 12.30 -22.38 42.22
C THR A 279 11.59 -21.70 41.06
N PHE A 280 11.43 -22.46 39.98
CA PHE A 280 10.75 -21.97 38.78
C PHE A 280 9.37 -21.41 39.14
N LEU A 281 8.60 -22.20 39.89
CA LEU A 281 7.26 -21.78 40.29
C LEU A 281 7.30 -20.50 41.11
N GLU A 282 8.36 -20.29 41.89
CA GLU A 282 8.43 -19.08 42.70
C GLU A 282 8.61 -17.84 41.83
N TYR A 283 9.50 -17.90 40.84
CA TYR A 283 9.69 -16.73 39.99
C TYR A 283 8.45 -16.46 39.14
N TYR A 284 7.79 -17.51 38.66
CA TYR A 284 6.54 -17.27 37.94
C TYR A 284 5.42 -16.83 38.88
N SER A 285 5.53 -17.14 40.16
CA SER A 285 4.60 -16.59 41.14
C SER A 285 4.83 -15.09 41.34
N LYS A 286 6.11 -14.69 41.37
CA LYS A 286 6.42 -13.26 41.45
C LYS A 286 5.91 -12.53 40.22
N ASN A 287 6.14 -13.09 39.03
CA ASN A 287 5.76 -12.40 37.81
C ASN A 287 4.24 -12.37 37.62
N TYR A 288 3.58 -13.52 37.77
CA TYR A 288 2.16 -13.63 37.48
C TYR A 288 1.34 -14.20 38.63
N GLY A 289 1.96 -14.74 39.67
CA GLY A 289 1.22 -15.41 40.72
C GLY A 289 0.52 -16.65 40.20
N ILE A 290 1.27 -17.51 39.52
CA ILE A 290 0.70 -18.61 38.74
C ILE A 290 1.07 -19.93 39.41
N THR A 291 0.11 -20.84 39.47
CA THR A 291 0.32 -22.22 39.87
C THR A 291 0.26 -23.10 38.63
N VAL A 292 1.28 -23.95 38.46
CA VAL A 292 1.45 -24.73 37.24
C VAL A 292 0.76 -26.07 37.42
N LYS A 293 -0.05 -26.47 36.43
CA LYS A 293 -0.76 -27.74 36.50
C LYS A 293 0.18 -28.92 36.31
N GLU A 294 1.09 -28.82 35.32
CA GLU A 294 1.98 -29.93 34.95
C GLU A 294 3.36 -29.68 35.53
N ASP A 295 3.86 -30.66 36.29
CA ASP A 295 5.20 -30.53 36.87
C ASP A 295 6.28 -30.79 35.83
N ASP A 296 6.02 -31.71 34.89
CA ASP A 296 7.01 -32.13 33.90
C ASP A 296 6.81 -31.45 32.55
N GLN A 297 6.40 -30.19 32.55
CA GLN A 297 6.13 -29.50 31.30
C GLN A 297 7.42 -29.30 30.50
N PRO A 298 7.44 -29.63 29.21
CA PRO A 298 8.57 -29.24 28.37
C PRO A 298 8.76 -27.73 28.33
N LEU A 299 9.90 -27.32 27.76
CA LEU A 299 10.32 -25.92 27.77
C LEU A 299 10.61 -25.48 26.34
N LEU A 300 10.07 -24.31 25.96
CA LEU A 300 10.20 -23.81 24.60
C LEU A 300 11.42 -22.91 24.47
N ILE A 301 12.07 -22.93 23.31
CA ILE A 301 13.35 -22.23 23.10
C ILE A 301 13.15 -21.18 22.03
N HIS A 302 13.46 -19.92 22.36
CA HIS A 302 13.27 -18.79 21.46
C HIS A 302 14.59 -18.04 21.30
N ARG A 303 14.94 -17.74 20.07
CA ARG A 303 16.10 -16.89 19.80
C ARG A 303 15.94 -16.23 18.44
N GLU A 318 19.97 -17.03 24.14
CA GLU A 318 18.78 -17.85 23.99
C GLU A 318 17.82 -17.75 25.16
N ILE A 319 16.57 -17.41 24.84
CA ILE A 319 15.52 -17.24 25.83
C ILE A 319 14.73 -18.54 25.95
N LEU A 320 14.28 -18.84 27.16
CA LEU A 320 13.45 -20.00 27.44
C LEU A 320 12.06 -19.51 27.84
N LEU A 321 11.03 -20.04 27.18
CA LEU A 321 9.64 -19.74 27.47
C LEU A 321 8.94 -21.01 27.91
N LEU A 322 7.72 -20.86 28.43
CA LEU A 322 7.01 -21.93 29.09
C LEU A 322 5.70 -22.24 28.37
N PRO A 323 5.20 -23.47 28.48
CA PRO A 323 3.95 -23.82 27.79
C PRO A 323 2.68 -23.60 28.60
N GLU A 324 2.79 -23.37 29.91
CA GLU A 324 1.59 -23.22 30.73
C GLU A 324 0.82 -21.95 30.37
N LEU A 325 1.53 -20.84 30.18
CA LEU A 325 0.90 -19.56 29.86
C LEU A 325 1.02 -19.19 28.39
N SER A 326 1.79 -19.98 27.63
CA SER A 326 1.95 -19.73 26.18
C SER A 326 0.70 -20.17 25.40
N PHE A 327 -0.07 -19.20 24.89
CA PHE A 327 -1.27 -19.48 24.13
C PHE A 327 -0.99 -19.20 22.66
N MET A 328 -1.40 -20.11 21.78
CA MET A 328 -1.18 -19.93 20.35
C MET A 328 -2.09 -18.84 19.81
N THR A 329 -1.59 -18.13 18.78
CA THR A 329 -2.30 -17.01 18.18
C THR A 329 -2.63 -17.32 16.72
N GLY A 330 -3.47 -16.46 16.15
CA GLY A 330 -3.89 -16.61 14.78
C GLY A 330 -4.92 -17.70 14.60
N ILE A 331 -5.34 -17.87 13.35
CA ILE A 331 -6.29 -18.95 13.05
C ILE A 331 -5.57 -20.29 13.19
N PRO A 332 -6.10 -21.24 13.96
CA PRO A 332 -5.47 -22.56 13.99
C PRO A 332 -5.45 -23.19 12.61
N GLU A 333 -4.39 -23.95 12.35
CA GLU A 333 -4.17 -24.48 11.00
C GLU A 333 -5.31 -25.40 10.58
N LYS A 334 -5.85 -26.18 11.52
CA LYS A 334 -6.97 -27.05 11.18
C LYS A 334 -8.22 -26.24 10.83
N MET A 335 -8.42 -25.09 11.49
CA MET A 335 -9.55 -24.24 11.17
C MET A 335 -9.46 -23.74 9.73
N LYS A 336 -8.25 -23.49 9.32
CA LYS A 336 -8.13 -22.87 8.01
C LYS A 336 -8.84 -23.71 6.98
N LYS A 337 -8.61 -25.03 7.00
CA LYS A 337 -9.27 -25.96 6.05
C LYS A 337 -10.79 -25.76 6.10
N ASP A 338 -11.34 -25.66 7.31
CA ASP A 338 -12.81 -25.47 7.49
C ASP A 338 -13.26 -24.24 6.70
N PHE A 339 -14.22 -24.43 5.79
CA PHE A 339 -14.74 -23.32 4.95
C PHE A 339 -15.68 -22.44 5.79
N ARG A 340 -16.82 -23.00 6.18
CA ARG A 340 -17.82 -22.25 7.01
C ARG A 340 -17.09 -21.50 8.12
N ALA A 341 -16.44 -22.22 9.03
CA ALA A 341 -15.69 -21.61 10.14
C ALA A 341 -14.93 -20.38 9.64
N MET A 342 -14.05 -20.58 8.65
CA MET A 342 -13.24 -19.46 8.07
C MET A 342 -14.19 -18.35 7.60
N LYS A 343 -15.39 -18.71 7.16
CA LYS A 343 -16.40 -17.72 6.68
C LYS A 343 -17.00 -16.99 7.89
N ASP A 344 -17.20 -17.72 9.00
CA ASP A 344 -17.79 -17.13 10.23
C ASP A 344 -16.78 -16.15 10.85
N LEU A 345 -15.49 -16.51 10.82
CA LEU A 345 -14.44 -15.65 11.38
C LEU A 345 -14.27 -14.39 10.56
N THR A 346 -14.32 -14.51 9.23
CA THR A 346 -14.21 -13.33 8.37
C THR A 346 -15.37 -12.36 8.63
N GLN A 347 -16.52 -12.89 9.04
CA GLN A 347 -17.63 -12.00 9.38
C GLN A 347 -17.26 -11.05 10.51
N GLN A 348 -16.58 -11.56 11.54
CA GLN A 348 -16.13 -10.69 12.63
C GLN A 348 -14.94 -9.83 12.22
N ILE A 349 -13.97 -10.41 11.49
CA ILE A 349 -12.76 -9.68 11.15
C ILE A 349 -13.09 -8.50 10.24
N ASN A 350 -13.84 -8.74 9.16
CA ASN A 350 -14.17 -7.68 8.23
C ASN A 350 -15.29 -6.82 8.80
N LEU A 351 -15.17 -5.51 8.62
CA LEU A 351 -16.07 -4.54 9.26
C LEU A 351 -16.59 -3.55 8.24
N SER A 352 -17.86 -3.20 8.38
CA SER A 352 -18.47 -2.10 7.66
C SER A 352 -18.09 -0.79 8.32
N PRO A 353 -18.37 0.35 7.67
CA PRO A 353 -18.14 1.63 8.36
C PRO A 353 -18.91 1.77 9.67
N LYS A 354 -20.10 1.17 9.77
CA LYS A 354 -20.89 1.31 10.98
C LYS A 354 -20.16 0.77 12.19
N GLN A 355 -19.68 -0.48 12.12
CA GLN A 355 -18.98 -1.08 13.24
C GLN A 355 -17.64 -0.40 13.49
N HIS A 356 -16.98 0.08 12.44
CA HIS A 356 -15.74 0.83 12.59
C HIS A 356 -15.99 2.07 13.45
N HIS A 357 -17.01 2.86 13.10
CA HIS A 357 -17.34 4.06 13.86
C HIS A 357 -17.79 3.70 15.26
N GLY A 358 -18.50 2.58 15.42
CA GLY A 358 -18.92 2.16 16.74
C GLY A 358 -17.74 1.86 17.66
N ALA A 359 -16.75 1.14 17.13
CA ALA A 359 -15.54 0.87 17.92
C ALA A 359 -14.79 2.16 18.25
N LEU A 360 -14.71 3.08 17.29
CA LEU A 360 -14.03 4.35 17.56
C LEU A 360 -14.75 5.13 18.65
N GLU A 361 -16.08 5.17 18.60
CA GLU A 361 -16.85 5.82 19.65
C GLU A 361 -16.68 5.12 20.98
N CYS A 362 -16.55 3.78 20.97
CA CYS A 362 -16.29 3.06 22.21
C CYS A 362 -14.97 3.51 22.83
N LEU A 363 -13.93 3.64 22.00
CA LEU A 363 -12.64 4.16 22.49
C LEU A 363 -12.81 5.53 23.12
N LEU A 364 -13.47 6.45 22.39
CA LEU A 364 -13.58 7.81 22.87
C LEU A 364 -14.38 7.88 24.16
N GLN A 365 -15.48 7.14 24.25
CA GLN A 365 -16.26 7.14 25.48
C GLN A 365 -15.47 6.54 26.63
N ARG A 366 -14.68 5.50 26.34
CA ARG A 366 -13.84 4.90 27.38
C ARG A 366 -12.88 5.94 27.96
N ILE A 367 -12.25 6.73 27.09
CA ILE A 367 -11.38 7.78 27.59
C ILE A 367 -12.19 8.85 28.33
N SER A 368 -13.38 9.16 27.83
CA SER A 368 -14.16 10.24 28.42
C SER A 368 -14.61 9.90 29.84
N GLN A 369 -14.91 8.63 30.11
CA GLN A 369 -15.47 8.26 31.41
C GLN A 369 -14.42 8.20 32.51
N ASN A 370 -13.19 7.80 32.21
CA ASN A 370 -12.16 7.73 33.23
C ASN A 370 -11.57 9.12 33.47
N GLU A 371 -11.63 9.57 34.72
CA GLU A 371 -11.12 10.89 35.06
C GLU A 371 -9.59 10.95 35.06
N THR A 372 -8.93 9.84 35.40
CA THR A 372 -7.47 9.85 35.45
C THR A 372 -6.86 9.99 34.06
N ALA A 373 -7.40 9.26 33.08
CA ALA A 373 -6.94 9.43 31.71
C ALA A 373 -7.10 10.88 31.27
N SER A 374 -8.23 11.49 31.61
CA SER A 374 -8.46 12.89 31.24
C SER A 374 -7.47 13.83 31.95
N ASN A 375 -7.11 13.53 33.20
CA ASN A 375 -6.22 14.43 33.92
C ASN A 375 -4.80 14.37 33.37
N GLU A 376 -4.26 13.16 33.18
CA GLU A 376 -2.98 13.04 32.47
C GLU A 376 -3.05 13.54 31.02
N LEU A 377 -4.23 13.60 30.41
CA LEU A 377 -4.34 14.29 29.12
C LEU A 377 -4.23 15.80 29.29
N THR A 378 -5.02 16.37 30.19
CA THR A 378 -5.22 17.81 30.27
C THR A 378 -4.11 18.51 31.03
N ARG A 379 -3.16 17.78 31.61
CA ARG A 379 -1.97 18.44 32.14
C ARG A 379 -1.28 19.30 31.09
N TRP A 380 -1.36 18.90 29.82
CA TRP A 380 -0.71 19.60 28.72
C TRP A 380 -1.64 20.57 28.01
N GLY A 381 -2.86 20.77 28.51
CA GLY A 381 -3.81 21.66 27.88
C GLY A 381 -4.58 21.06 26.72
N LEU A 382 -4.32 19.80 26.36
CA LEU A 382 -5.02 19.16 25.26
C LEU A 382 -6.37 18.61 25.74
N SER A 383 -7.24 18.32 24.79
CA SER A 383 -8.56 17.78 25.12
C SER A 383 -9.16 17.15 23.87
N LEU A 384 -9.38 15.84 23.90
CA LEU A 384 -10.08 15.18 22.80
C LEU A 384 -11.53 15.65 22.74
N HIS A 385 -12.09 15.60 21.54
CA HIS A 385 -13.49 15.97 21.33
C HIS A 385 -14.37 14.76 21.60
N LYS A 386 -15.68 14.90 21.36
CA LYS A 386 -16.66 13.85 21.64
C LYS A 386 -17.16 13.15 20.39
N ASP A 387 -16.67 13.50 19.20
CA ASP A 387 -17.15 12.90 17.97
C ASP A 387 -16.05 12.99 16.92
N VAL A 388 -16.12 12.08 15.95
CA VAL A 388 -15.13 12.06 14.89
C VAL A 388 -15.25 13.30 14.01
N HIS A 389 -14.14 13.66 13.38
CA HIS A 389 -14.10 14.87 12.56
C HIS A 389 -15.05 14.73 11.38
N LYS A 390 -15.73 15.82 11.05
CA LYS A 390 -16.66 15.88 9.93
C LYS A 390 -16.11 16.88 8.90
N ILE A 391 -15.95 16.40 7.66
CA ILE A 391 -15.35 17.18 6.59
C ILE A 391 -16.33 17.19 5.43
N GLU A 392 -16.24 18.22 4.59
CA GLU A 392 -17.01 18.33 3.37
C GLU A 392 -16.09 18.20 2.17
N GLY A 393 -16.36 17.20 1.31
CA GLY A 393 -15.59 17.00 0.10
C GLY A 393 -16.52 16.91 -1.10
N ARG A 394 -15.99 17.20 -2.28
CA ARG A 394 -16.82 17.31 -3.46
C ARG A 394 -16.71 16.06 -4.33
N LEU A 395 -17.80 15.80 -5.06
CA LEU A 395 -17.91 14.67 -5.98
C LEU A 395 -17.61 15.18 -7.38
N LEU A 396 -16.50 14.74 -7.95
CA LEU A 396 -16.11 15.20 -9.27
C LEU A 396 -17.13 14.69 -10.30
N PRO A 397 -17.50 15.51 -11.31
CA PRO A 397 -18.52 15.05 -12.26
C PRO A 397 -18.09 13.80 -13.01
N MET A 398 -19.06 13.18 -13.68
CA MET A 398 -18.81 11.93 -14.38
C MET A 398 -18.24 12.21 -15.77
N GLU A 399 -17.35 11.32 -16.21
CA GLU A 399 -16.70 11.46 -17.50
C GLU A 399 -17.54 10.86 -18.62
N ARG A 400 -17.19 11.23 -19.85
CA ARG A 400 -17.80 10.69 -21.06
C ARG A 400 -16.75 9.89 -21.80
N ILE A 401 -17.04 8.60 -22.02
CA ILE A 401 -16.13 7.67 -22.67
C ILE A 401 -16.54 7.54 -24.13
N ASN A 402 -15.55 7.60 -25.02
CA ASN A 402 -15.78 7.61 -26.45
C ASN A 402 -15.51 6.25 -27.07
N LEU A 403 -16.33 5.88 -28.04
CA LEU A 403 -16.11 4.73 -28.90
C LEU A 403 -16.33 5.16 -30.34
N ARG A 404 -16.10 4.24 -31.27
CA ARG A 404 -16.35 4.52 -32.68
C ARG A 404 -17.86 4.54 -32.90
N ASN A 405 -18.36 5.64 -33.47
CA ASN A 405 -19.76 5.86 -33.82
C ASN A 405 -20.65 6.07 -32.59
N THR A 406 -20.13 5.86 -31.37
CA THR A 406 -20.95 5.97 -30.17
C THR A 406 -20.09 6.41 -29.00
N SER A 407 -20.75 7.02 -28.02
CA SER A 407 -20.09 7.47 -26.79
C SER A 407 -21.14 7.46 -25.69
N PHE A 408 -20.68 7.41 -24.44
CA PHE A 408 -21.62 7.31 -23.33
C PHE A 408 -21.01 7.90 -22.07
N VAL A 409 -21.88 8.36 -21.18
CA VAL A 409 -21.46 8.80 -19.84
C VAL A 409 -21.45 7.58 -18.93
N THR A 410 -20.44 7.50 -18.07
CA THR A 410 -20.25 6.30 -17.25
C THR A 410 -21.37 6.15 -16.24
N SER A 411 -21.50 4.94 -15.70
CA SER A 411 -22.56 4.61 -14.77
C SER A 411 -22.18 5.03 -13.36
N GLU A 412 -23.13 4.85 -12.43
CA GLU A 412 -22.90 5.32 -11.06
C GLU A 412 -21.83 4.50 -10.34
N ASP A 413 -21.62 3.25 -10.72
CA ASP A 413 -20.63 2.39 -10.10
C ASP A 413 -19.28 2.44 -10.80
N LEU A 414 -19.14 3.24 -11.85
CA LEU A 414 -17.88 3.36 -12.59
C LEU A 414 -17.41 1.99 -13.09
N ASN A 415 -18.21 1.41 -13.98
CA ASN A 415 -17.86 0.15 -14.64
C ASN A 415 -18.70 0.03 -15.90
N TRP A 416 -18.03 -0.17 -17.03
CA TRP A 416 -18.69 -0.21 -18.34
C TRP A 416 -18.22 -1.40 -19.16
N VAL A 417 -18.19 -2.58 -18.54
CA VAL A 417 -17.67 -3.76 -19.22
C VAL A 417 -18.54 -4.13 -20.42
N LYS A 418 -19.86 -4.03 -20.27
CA LYS A 418 -20.75 -4.46 -21.34
C LYS A 418 -20.63 -3.56 -22.57
N GLU A 419 -20.47 -2.25 -22.34
CA GLU A 419 -20.47 -1.31 -23.46
C GLU A 419 -19.29 -1.54 -24.38
N VAL A 420 -18.11 -1.86 -23.83
CA VAL A 420 -16.94 -2.10 -24.66
C VAL A 420 -17.17 -3.29 -25.58
N THR A 421 -17.74 -4.36 -25.03
CA THR A 421 -17.88 -5.59 -25.81
C THR A 421 -19.00 -5.48 -26.84
N ARG A 422 -20.10 -4.79 -26.50
CA ARG A 422 -21.19 -4.69 -27.46
C ARG A 422 -20.82 -3.84 -28.66
N ASP A 423 -20.15 -2.73 -28.44
CA ASP A 423 -19.91 -1.74 -29.48
C ASP A 423 -18.49 -1.85 -30.04
N ALA A 424 -18.30 -1.26 -31.21
CA ALA A 424 -17.03 -1.33 -31.90
C ALA A 424 -16.00 -0.42 -31.24
N SER A 425 -14.72 -0.74 -31.46
CA SER A 425 -13.61 0.03 -30.93
C SER A 425 -13.15 1.05 -31.98
N ILE A 426 -12.16 1.86 -31.60
CA ILE A 426 -11.73 2.96 -32.46
C ILE A 426 -11.03 2.43 -33.70
N LEU A 427 -9.88 1.79 -33.51
CA LEU A 427 -9.13 1.16 -34.59
C LEU A 427 -9.01 -0.33 -34.29
N THR A 428 -9.33 -1.15 -35.30
CA THR A 428 -9.31 -2.60 -35.18
C THR A 428 -8.68 -3.16 -36.45
N ILE A 429 -7.36 -3.35 -36.45
CA ILE A 429 -6.67 -3.82 -37.65
C ILE A 429 -7.02 -5.28 -37.87
N PRO A 430 -7.13 -5.75 -39.11
CA PRO A 430 -7.57 -7.12 -39.34
C PRO A 430 -6.50 -8.13 -38.97
N MET A 431 -6.95 -9.34 -38.64
CA MET A 431 -6.08 -10.48 -38.38
C MET A 431 -6.27 -11.50 -39.49
N HIS A 432 -5.22 -11.71 -40.29
CA HIS A 432 -5.26 -12.65 -41.40
C HIS A 432 -4.26 -13.79 -41.30
N PHE A 433 -3.16 -13.60 -40.57
CA PHE A 433 -2.15 -14.64 -40.38
C PHE A 433 -1.80 -14.73 -38.90
N TRP A 434 -2.20 -15.82 -38.27
CA TRP A 434 -1.83 -16.08 -36.88
C TRP A 434 -1.78 -17.59 -36.67
N ALA A 435 -0.94 -18.01 -35.74
CA ALA A 435 -0.64 -19.43 -35.52
C ALA A 435 -1.05 -19.81 -34.11
N LEU A 436 -1.71 -20.96 -33.98
CA LEU A 436 -2.21 -21.47 -32.70
C LEU A 436 -1.43 -22.71 -32.32
N PHE A 437 -0.80 -22.66 -31.14
CA PHE A 437 0.06 -23.73 -30.64
C PHE A 437 -0.57 -24.34 -29.40
N TYR A 438 -0.96 -25.61 -29.49
CA TYR A 438 -1.62 -26.33 -28.41
C TYR A 438 -1.06 -27.74 -28.31
N PRO A 439 -1.19 -28.38 -27.14
CA PRO A 439 -0.73 -29.77 -27.00
C PRO A 439 -1.85 -30.75 -27.36
N LYS A 440 -1.51 -32.04 -27.36
CA LYS A 440 -2.45 -33.07 -27.78
C LYS A 440 -3.67 -33.15 -26.86
N ARG A 441 -3.49 -32.88 -25.57
CA ARG A 441 -4.54 -33.10 -24.58
C ARG A 441 -5.64 -32.06 -24.60
N ALA A 442 -5.53 -31.01 -25.42
CA ALA A 442 -6.52 -29.94 -25.47
C ALA A 442 -7.07 -29.74 -26.88
N MET A 443 -7.43 -30.82 -27.57
CA MET A 443 -8.05 -30.69 -28.89
C MET A 443 -9.33 -29.88 -28.82
N ASP A 444 -10.38 -30.50 -28.27
CA ASP A 444 -11.74 -30.00 -28.48
C ASP A 444 -11.91 -28.60 -27.96
N GLN A 445 -11.50 -28.36 -26.70
CA GLN A 445 -11.61 -27.02 -26.12
C GLN A 445 -10.99 -25.99 -27.03
N ALA A 446 -9.76 -26.25 -27.49
CA ALA A 446 -9.08 -25.28 -28.34
C ALA A 446 -9.92 -24.97 -29.57
N ARG A 447 -10.42 -26.02 -30.23
CA ARG A 447 -11.25 -25.78 -31.41
C ARG A 447 -12.47 -24.96 -31.03
N GLU A 448 -13.15 -25.34 -29.94
CA GLU A 448 -14.30 -24.56 -29.49
C GLU A 448 -13.92 -23.11 -29.27
N LEU A 449 -12.77 -22.87 -28.63
CA LEU A 449 -12.34 -21.52 -28.36
C LEU A 449 -12.28 -20.73 -29.66
N VAL A 450 -11.66 -21.30 -30.70
CA VAL A 450 -11.53 -20.59 -31.96
C VAL A 450 -12.91 -20.22 -32.48
N ASN A 451 -13.85 -21.17 -32.46
CA ASN A 451 -15.20 -20.88 -32.92
C ASN A 451 -15.78 -19.70 -32.15
N MET A 452 -15.66 -19.73 -30.82
CA MET A 452 -16.19 -18.64 -30.03
C MET A 452 -15.47 -17.34 -30.36
N LEU A 453 -14.14 -17.42 -30.54
CA LEU A 453 -13.39 -16.21 -30.87
C LEU A 453 -13.86 -15.64 -32.20
N GLU A 454 -14.34 -16.49 -33.11
CA GLU A 454 -14.94 -15.97 -34.32
C GLU A 454 -16.29 -15.34 -34.01
N LYS A 455 -17.12 -16.02 -33.23
CA LYS A 455 -18.50 -15.60 -33.03
C LYS A 455 -18.58 -14.23 -32.39
N ILE A 456 -17.69 -13.94 -31.43
CA ILE A 456 -17.68 -12.64 -30.76
C ILE A 456 -16.91 -11.57 -31.52
N ALA A 457 -16.23 -11.93 -32.61
CA ALA A 457 -15.33 -10.98 -33.26
C ALA A 457 -16.11 -9.79 -33.83
N GLY A 458 -17.29 -10.05 -34.41
CA GLY A 458 -18.04 -9.02 -35.09
C GLY A 458 -18.48 -7.85 -34.23
N PRO A 459 -19.09 -8.09 -33.07
CA PRO A 459 -19.48 -6.95 -32.21
C PRO A 459 -18.31 -6.07 -31.80
N ILE A 460 -17.15 -6.65 -31.50
CA ILE A 460 -15.99 -5.85 -31.13
C ILE A 460 -15.50 -5.06 -32.33
N GLY A 461 -15.68 -5.60 -33.54
CA GLY A 461 -15.34 -4.90 -34.75
C GLY A 461 -14.01 -5.35 -35.34
N MET A 462 -13.73 -6.64 -35.26
CA MET A 462 -12.51 -7.22 -35.79
C MET A 462 -12.85 -8.20 -36.90
N ARG A 463 -11.90 -8.37 -37.82
CA ARG A 463 -11.96 -9.38 -38.86
C ARG A 463 -10.89 -10.42 -38.55
N ILE A 464 -11.31 -11.62 -38.20
CA ILE A 464 -10.42 -12.71 -37.82
C ILE A 464 -10.58 -13.83 -38.84
N SER A 465 -9.46 -14.31 -39.37
CA SER A 465 -9.46 -15.49 -40.21
C SER A 465 -9.17 -16.72 -39.37
N PRO A 466 -9.45 -17.92 -39.88
CA PRO A 466 -9.12 -19.12 -39.13
C PRO A 466 -7.62 -19.19 -38.89
N PRO A 467 -7.20 -19.70 -37.73
CA PRO A 467 -5.77 -19.76 -37.43
C PRO A 467 -5.07 -20.87 -38.23
N ALA A 468 -3.75 -20.80 -38.23
CA ALA A 468 -2.92 -21.90 -38.67
C ALA A 468 -2.67 -22.80 -37.47
N TRP A 469 -3.26 -23.99 -37.49
CA TRP A 469 -3.12 -24.91 -36.37
C TRP A 469 -1.74 -25.53 -36.38
N VAL A 470 -1.13 -25.64 -35.20
CA VAL A 470 0.09 -26.42 -35.01
C VAL A 470 -0.15 -27.32 -33.81
N GLU A 471 0.16 -28.60 -33.96
CA GLU A 471 -0.08 -29.61 -32.94
C GLU A 471 1.25 -29.99 -32.31
N LEU A 472 1.35 -29.83 -31.00
CA LEU A 472 2.58 -30.11 -30.27
C LEU A 472 2.58 -31.56 -29.82
N LYS A 473 3.66 -32.27 -30.13
CA LYS A 473 3.76 -33.68 -29.81
C LYS A 473 3.79 -33.94 -28.32
N ASP A 474 4.24 -32.97 -27.53
CA ASP A 474 4.42 -33.15 -26.10
C ASP A 474 4.31 -31.80 -25.43
N ASP A 475 4.63 -31.75 -24.13
CA ASP A 475 4.54 -30.47 -23.37
C ASP A 475 5.95 -29.88 -23.20
N ARG A 476 6.99 -30.67 -23.51
CA ARG A 476 8.36 -30.20 -23.30
C ARG A 476 8.57 -28.86 -24.01
N ILE A 477 9.30 -27.96 -23.35
CA ILE A 477 9.38 -26.58 -23.81
C ILE A 477 10.16 -26.48 -25.11
N GLU A 478 11.13 -27.37 -25.34
CA GLU A 478 11.91 -27.31 -26.56
C GLU A 478 11.02 -27.42 -27.79
N THR A 479 10.02 -28.29 -27.74
CA THR A 479 9.11 -28.45 -28.88
C THR A 479 8.33 -27.17 -29.14
N TYR A 480 7.79 -26.56 -28.09
CA TYR A 480 7.07 -25.29 -28.23
C TYR A 480 7.93 -24.24 -28.90
N ILE A 481 9.14 -24.04 -28.35
CA ILE A 481 10.02 -22.99 -28.84
C ILE A 481 10.42 -23.26 -30.29
N ARG A 482 10.78 -24.52 -30.58
CA ARG A 482 11.22 -24.87 -31.93
C ARG A 482 10.11 -24.67 -32.95
N THR A 483 8.89 -25.11 -32.63
CA THR A 483 7.79 -24.96 -33.57
C THR A 483 7.48 -23.50 -33.82
N ILE A 484 7.41 -22.69 -32.76
CA ILE A 484 7.11 -21.28 -32.93
C ILE A 484 8.17 -20.62 -33.78
N GLN A 485 9.45 -20.90 -33.49
CA GLN A 485 10.54 -20.29 -34.25
C GLN A 485 10.48 -20.69 -35.71
N SER A 486 10.22 -21.98 -35.99
CA SER A 486 10.21 -22.44 -37.37
C SER A 486 9.10 -21.76 -38.16
N LEU A 487 7.87 -21.73 -37.60
CA LEU A 487 6.77 -21.11 -38.34
C LEU A 487 7.03 -19.62 -38.54
N LEU A 488 7.52 -18.94 -37.50
CA LEU A 488 7.82 -17.51 -37.62
C LEU A 488 8.85 -17.26 -38.71
N GLY A 489 9.91 -18.08 -38.73
CA GLY A 489 10.95 -17.88 -39.72
C GLY A 489 10.45 -18.10 -41.14
N VAL A 490 9.72 -19.19 -41.36
CA VAL A 490 9.32 -19.52 -42.73
C VAL A 490 8.28 -18.52 -43.25
N GLU A 491 7.24 -18.24 -42.45
CA GLU A 491 6.17 -17.40 -42.98
C GLU A 491 6.59 -15.94 -43.05
N GLY A 492 7.12 -15.40 -41.95
CA GLY A 492 7.51 -14.01 -41.92
C GLY A 492 6.35 -13.03 -41.91
N LYS A 493 5.11 -13.51 -41.84
CA LYS A 493 3.92 -12.67 -41.82
C LYS A 493 2.97 -13.02 -40.69
N ILE A 494 3.38 -13.91 -39.78
CA ILE A 494 2.55 -14.26 -38.62
C ILE A 494 2.44 -13.03 -37.74
N GLN A 495 1.24 -12.43 -37.70
CA GLN A 495 1.06 -11.20 -36.94
C GLN A 495 1.00 -11.46 -35.44
N MET A 496 0.70 -12.69 -35.02
CA MET A 496 0.58 -12.97 -33.60
C MET A 496 0.75 -14.47 -33.36
N VAL A 497 1.14 -14.82 -32.15
CA VAL A 497 1.29 -16.20 -31.72
C VAL A 497 0.38 -16.44 -30.53
N VAL A 498 -0.40 -17.51 -30.59
CA VAL A 498 -1.32 -17.89 -29.51
C VAL A 498 -0.91 -19.26 -29.02
N CYS A 499 -0.62 -19.37 -27.72
CA CYS A 499 -0.14 -20.60 -27.12
C CYS A 499 -1.08 -21.03 -26.01
N ILE A 500 -1.51 -22.28 -26.06
CA ILE A 500 -2.34 -22.89 -25.02
C ILE A 500 -1.41 -23.70 -24.13
N ILE A 501 -1.20 -23.23 -22.91
CA ILE A 501 -0.31 -23.90 -21.96
C ILE A 501 -1.15 -24.90 -21.16
N MET A 502 -0.58 -26.07 -20.90
CA MET A 502 -1.38 -27.16 -20.34
C MET A 502 -1.51 -27.10 -18.82
N GLY A 503 -0.73 -26.29 -18.13
CA GLY A 503 -0.84 -26.22 -16.71
C GLY A 503 -0.19 -24.98 -16.13
N THR A 504 -0.06 -24.97 -14.80
CA THR A 504 0.58 -23.85 -14.10
C THR A 504 2.10 -23.95 -14.30
N ARG A 505 2.50 -23.78 -15.56
CA ARG A 505 3.88 -23.96 -16.01
C ARG A 505 4.49 -22.58 -16.22
N ASP A 506 5.26 -22.12 -15.24
CA ASP A 506 5.84 -20.78 -15.31
C ASP A 506 6.97 -20.71 -16.33
N ASP A 507 7.82 -21.75 -16.36
CA ASP A 507 8.99 -21.71 -17.25
C ASP A 507 8.57 -21.60 -18.70
N LEU A 508 7.50 -22.30 -19.10
CA LEU A 508 7.04 -22.20 -20.48
C LEU A 508 6.53 -20.80 -20.80
N TYR A 509 5.80 -20.18 -19.86
CA TYR A 509 5.34 -18.82 -20.09
C TYR A 509 6.51 -17.86 -20.28
N GLY A 510 7.52 -17.97 -19.42
CA GLY A 510 8.70 -17.13 -19.58
C GLY A 510 9.41 -17.38 -20.89
N ALA A 511 9.55 -18.65 -21.28
CA ALA A 511 10.24 -18.97 -22.52
C ALA A 511 9.48 -18.44 -23.74
N ILE A 512 8.16 -18.59 -23.75
CA ILE A 512 7.37 -18.08 -24.86
C ILE A 512 7.53 -16.57 -24.96
N LYS A 513 7.40 -15.86 -23.84
CA LYS A 513 7.47 -14.41 -23.90
C LYS A 513 8.85 -13.95 -24.33
N LYS A 514 9.90 -14.61 -23.82
CA LYS A 514 11.25 -14.25 -24.25
C LYS A 514 11.44 -14.46 -25.75
N LEU A 515 11.02 -15.62 -26.27
CA LEU A 515 11.21 -15.86 -27.70
C LEU A 515 10.42 -14.86 -28.53
N CYS A 516 9.23 -14.47 -28.07
CA CYS A 516 8.38 -13.61 -28.87
C CYS A 516 8.62 -12.13 -28.68
N CYS A 517 9.46 -11.72 -27.71
CA CYS A 517 9.64 -10.30 -27.42
C CYS A 517 11.08 -9.78 -27.47
N VAL A 518 12.09 -10.65 -27.56
CA VAL A 518 13.48 -10.21 -27.69
C VAL A 518 14.16 -10.85 -28.90
N GLN A 519 13.99 -12.17 -29.09
CA GLN A 519 14.66 -12.84 -30.19
C GLN A 519 13.94 -12.64 -31.52
N SER A 520 12.60 -12.60 -31.50
CA SER A 520 11.82 -12.43 -32.71
C SER A 520 10.61 -11.56 -32.41
N PRO A 521 10.37 -10.46 -33.15
CA PRO A 521 9.31 -9.51 -32.74
C PRO A 521 7.91 -9.86 -33.24
N VAL A 522 7.22 -10.71 -32.49
CA VAL A 522 5.80 -10.99 -32.71
C VAL A 522 5.09 -10.78 -31.38
N PRO A 523 3.97 -10.06 -31.33
CA PRO A 523 3.16 -10.09 -30.11
C PRO A 523 2.61 -11.50 -29.89
N SER A 524 2.45 -11.88 -28.62
CA SER A 524 2.03 -13.22 -28.27
C SER A 524 1.08 -13.19 -27.08
N GLN A 525 0.06 -14.05 -27.13
CA GLN A 525 -0.92 -14.20 -26.05
C GLN A 525 -0.91 -15.65 -25.60
N VAL A 526 -1.09 -15.86 -24.30
CA VAL A 526 -1.12 -17.20 -23.71
C VAL A 526 -2.49 -17.40 -23.07
N ILE A 527 -3.06 -18.58 -23.26
CA ILE A 527 -4.37 -18.93 -22.72
C ILE A 527 -4.23 -20.26 -22.00
N ASN A 528 -4.39 -20.25 -20.68
CA ASN A 528 -4.21 -21.48 -19.91
C ASN A 528 -5.43 -22.39 -20.08
N VAL A 529 -5.19 -23.69 -19.93
CA VAL A 529 -6.23 -24.68 -20.24
C VAL A 529 -7.39 -24.58 -19.26
N ARG A 530 -7.09 -24.25 -17.99
CA ARG A 530 -8.15 -24.17 -17.00
C ARG A 530 -9.18 -23.10 -17.38
N THR A 531 -8.71 -21.94 -17.84
CA THR A 531 -9.62 -20.85 -18.16
C THR A 531 -10.57 -21.23 -19.29
N ILE A 532 -10.05 -21.90 -20.33
CA ILE A 532 -10.92 -22.32 -21.42
C ILE A 532 -11.72 -23.56 -21.04
N GLY A 533 -11.40 -24.20 -19.91
CA GLY A 533 -12.03 -25.46 -19.58
C GLY A 533 -13.49 -25.34 -19.17
N GLN A 534 -13.90 -24.17 -18.69
CA GLN A 534 -15.22 -24.02 -18.07
C GLN A 534 -16.22 -23.40 -19.05
N PRO A 535 -17.20 -24.15 -19.56
CA PRO A 535 -18.31 -23.51 -20.28
C PRO A 535 -19.17 -22.67 -19.35
N THR A 536 -20.00 -21.83 -19.96
CA THR A 536 -20.83 -20.80 -19.32
C THR A 536 -19.97 -19.62 -18.83
N ARG A 537 -18.67 -19.69 -19.07
CA ARG A 537 -17.79 -18.54 -18.77
C ARG A 537 -16.86 -18.34 -19.96
N LEU A 538 -17.08 -19.10 -21.04
CA LEU A 538 -16.18 -19.00 -22.19
C LEU A 538 -16.43 -17.72 -22.97
N ARG A 539 -17.66 -17.20 -22.93
CA ARG A 539 -17.93 -15.97 -23.66
C ARG A 539 -17.15 -14.79 -23.07
N SER A 540 -17.12 -14.68 -21.75
CA SER A 540 -16.37 -13.59 -21.12
C SER A 540 -14.87 -13.72 -21.40
N VAL A 541 -14.33 -14.93 -21.29
CA VAL A 541 -12.89 -15.06 -21.49
C VAL A 541 -12.54 -14.81 -22.94
N ALA A 542 -13.41 -15.23 -23.87
CA ALA A 542 -13.18 -14.90 -25.28
C ALA A 542 -13.19 -13.40 -25.49
N GLN A 543 -14.15 -12.69 -24.90
CA GLN A 543 -14.22 -11.25 -25.07
C GLN A 543 -12.96 -10.57 -24.55
N LYS A 544 -12.52 -10.95 -23.35
CA LYS A 544 -11.33 -10.30 -22.79
C LYS A 544 -10.07 -10.67 -23.55
N ILE A 545 -9.94 -11.92 -23.98
CA ILE A 545 -8.76 -12.34 -24.73
C ILE A 545 -8.68 -11.58 -26.05
N LEU A 546 -9.82 -11.46 -26.73
CA LEU A 546 -9.81 -10.76 -28.01
C LEU A 546 -9.53 -9.27 -27.84
N LEU A 547 -10.05 -8.65 -26.77
CA LEU A 547 -9.71 -7.25 -26.54
C LEU A 547 -8.24 -7.07 -26.24
N GLN A 548 -7.64 -7.96 -25.43
CA GLN A 548 -6.21 -7.87 -25.18
C GLN A 548 -5.42 -8.06 -26.47
N MET A 549 -5.87 -8.97 -27.32
CA MET A 549 -5.21 -9.15 -28.62
C MET A 549 -5.28 -7.88 -29.45
N ASN A 550 -6.44 -7.21 -29.46
CA ASN A 550 -6.57 -5.98 -30.22
C ASN A 550 -5.65 -4.90 -29.67
N CYS A 551 -5.52 -4.80 -28.34
CA CYS A 551 -4.62 -3.82 -27.75
C CYS A 551 -3.18 -4.11 -28.13
N LYS A 552 -2.78 -5.39 -28.12
CA LYS A 552 -1.40 -5.76 -28.37
C LYS A 552 -0.97 -5.59 -29.83
N LEU A 553 -1.84 -5.16 -30.73
CA LEU A 553 -1.52 -4.97 -32.14
C LEU A 553 -1.55 -3.49 -32.54
N GLY A 554 -1.49 -2.58 -31.58
CA GLY A 554 -1.59 -1.17 -31.88
C GLY A 554 -2.99 -0.68 -32.09
N GLY A 555 -3.99 -1.40 -31.57
CA GLY A 555 -5.36 -0.96 -31.63
C GLY A 555 -5.69 0.03 -30.51
N GLU A 556 -6.90 0.56 -30.58
CA GLU A 556 -7.38 1.56 -29.65
C GLU A 556 -8.82 1.24 -29.28
N LEU A 557 -9.07 1.03 -27.99
CA LEU A 557 -10.38 0.53 -27.54
C LEU A 557 -11.37 1.66 -27.27
N TRP A 558 -11.05 2.54 -26.32
CA TRP A 558 -11.93 3.64 -25.95
C TRP A 558 -11.08 4.85 -25.63
N GLY A 559 -11.74 6.02 -25.60
CA GLY A 559 -11.04 7.26 -25.38
C GLY A 559 -11.87 8.23 -24.57
N VAL A 560 -11.18 9.22 -24.02
CA VAL A 560 -11.79 10.26 -23.18
C VAL A 560 -11.27 11.61 -23.62
N ASP A 561 -12.17 12.60 -23.66
CA ASP A 561 -11.80 13.94 -24.07
C ASP A 561 -10.88 14.59 -23.04
N ILE A 562 -10.04 15.51 -23.52
CA ILE A 562 -9.15 16.29 -22.67
C ILE A 562 -9.43 17.77 -22.96
N PRO A 563 -9.78 18.60 -21.98
CA PRO A 563 -10.20 19.96 -22.31
C PRO A 563 -9.07 20.90 -22.67
N LEU A 564 -7.93 20.81 -22.01
CA LEU A 564 -6.82 21.71 -22.31
C LEU A 564 -6.04 21.16 -23.50
N LYS A 565 -5.33 22.04 -24.20
CA LYS A 565 -4.68 21.68 -25.45
C LYS A 565 -3.18 21.47 -25.25
N GLN A 566 -2.62 20.53 -26.03
CA GLN A 566 -1.18 20.39 -26.20
C GLN A 566 -0.48 20.00 -24.89
N LEU A 567 -0.80 18.81 -24.41
CA LEU A 567 -0.18 18.24 -23.22
C LEU A 567 0.45 16.91 -23.59
N MET A 568 1.48 16.51 -22.85
CA MET A 568 2.06 15.18 -22.97
C MET A 568 2.16 14.59 -21.58
N VAL A 569 1.31 13.62 -21.28
CA VAL A 569 1.32 12.94 -19.99
C VAL A 569 2.43 11.91 -20.01
N ILE A 570 3.28 11.95 -18.99
CA ILE A 570 4.34 10.97 -18.82
C ILE A 570 4.08 10.29 -17.48
N GLY A 571 4.51 9.04 -17.38
CA GLY A 571 4.41 8.31 -16.13
C GLY A 571 5.67 7.50 -15.89
N MET A 572 5.93 7.25 -14.62
CA MET A 572 7.05 6.40 -14.24
C MET A 572 6.63 5.55 -13.06
N ASP A 573 7.31 4.42 -12.92
CA ASP A 573 7.13 3.55 -11.77
C ASP A 573 8.28 2.55 -11.80
N VAL A 574 8.57 1.98 -10.64
CA VAL A 574 9.78 1.19 -10.45
C VAL A 574 9.40 -0.20 -9.96
N TYR A 575 10.19 -1.18 -10.37
CA TYR A 575 10.13 -2.54 -9.86
C TYR A 575 11.39 -2.80 -9.06
N HIS A 576 11.25 -2.98 -7.75
CA HIS A 576 12.36 -3.22 -6.85
C HIS A 576 12.59 -4.73 -6.74
N ASP A 577 13.75 -5.17 -7.19
CA ASP A 577 14.03 -6.60 -7.23
C ASP A 577 14.12 -7.15 -5.82
N PRO A 578 13.42 -8.24 -5.49
CA PRO A 578 13.55 -8.78 -4.13
C PRO A 578 14.94 -9.27 -3.80
N SER A 579 15.66 -9.82 -4.79
CA SER A 579 16.93 -10.51 -4.54
C SER A 579 18.03 -10.18 -5.53
N ARG A 580 17.73 -9.67 -6.72
CA ARG A 580 18.73 -9.55 -7.79
C ARG A 580 19.52 -8.24 -7.67
N GLY A 581 20.08 -8.02 -6.49
CA GLY A 581 21.05 -6.94 -6.31
C GLY A 581 20.52 -5.56 -6.66
N MET A 582 19.21 -5.36 -6.53
CA MET A 582 18.60 -4.04 -6.72
C MET A 582 18.79 -3.53 -8.16
N ARG A 583 18.33 -4.33 -9.12
CA ARG A 583 18.34 -3.85 -10.51
C ARG A 583 17.51 -2.59 -10.65
N SER A 584 16.36 -2.55 -9.98
CA SER A 584 15.51 -1.37 -9.92
C SER A 584 15.08 -0.91 -11.31
N VAL A 585 14.43 -1.82 -12.03
CA VAL A 585 13.90 -1.47 -13.34
C VAL A 585 12.83 -0.40 -13.17
N VAL A 586 12.89 0.62 -14.02
CA VAL A 586 11.97 1.75 -13.98
C VAL A 586 11.21 1.81 -15.30
N GLY A 587 9.89 1.76 -15.23
CA GLY A 587 9.10 1.94 -16.41
C GLY A 587 9.10 3.38 -16.85
N PHE A 588 8.61 3.61 -18.07
CA PHE A 588 8.47 4.97 -18.58
C PHE A 588 7.47 4.94 -19.72
N VAL A 589 6.30 5.54 -19.54
CA VAL A 589 5.26 5.57 -20.55
C VAL A 589 4.89 7.01 -20.83
N ALA A 590 5.02 7.43 -22.08
CA ALA A 590 4.74 8.80 -22.48
C ALA A 590 3.86 8.78 -23.72
N SER A 591 2.77 9.53 -23.69
CA SER A 591 1.89 9.58 -24.85
C SER A 591 2.61 10.26 -26.00
N ILE A 592 2.30 9.84 -27.23
CA ILE A 592 2.84 10.47 -28.43
C ILE A 592 1.68 10.85 -29.36
N ASN A 593 0.50 11.05 -28.80
CA ASN A 593 -0.68 11.41 -29.58
C ASN A 593 -1.42 12.51 -28.83
N LEU A 594 -2.15 13.32 -29.59
CA LEU A 594 -2.88 14.44 -28.99
C LEU A 594 -4.07 13.98 -28.16
N THR A 595 -4.58 12.77 -28.41
CA THR A 595 -5.75 12.24 -27.70
C THR A 595 -5.36 11.27 -26.59
N LEU A 596 -4.08 11.22 -26.21
CA LEU A 596 -3.62 10.40 -25.10
C LEU A 596 -3.99 8.94 -25.32
N THR A 597 -3.84 8.49 -26.57
CA THR A 597 -4.38 7.21 -27.01
C THR A 597 -3.29 6.27 -27.50
N LYS A 598 -2.19 6.83 -28.04
CA LYS A 598 -1.03 6.05 -28.45
C LYS A 598 0.12 6.33 -27.51
N TRP A 599 0.77 5.27 -27.03
CA TRP A 599 1.75 5.36 -25.96
C TRP A 599 3.11 4.89 -26.45
N TYR A 600 4.17 5.51 -25.92
CA TYR A 600 5.55 5.16 -26.21
C TYR A 600 6.25 4.79 -24.91
N SER A 601 6.83 3.59 -24.90
CA SER A 601 7.28 2.95 -23.68
C SER A 601 8.73 2.51 -23.83
N ARG A 602 9.54 2.80 -22.82
CA ARG A 602 10.91 2.30 -22.73
C ARG A 602 11.19 1.84 -21.30
N VAL A 603 12.31 1.14 -21.16
CA VAL A 603 12.73 0.54 -19.90
C VAL A 603 14.20 0.84 -19.70
N VAL A 604 14.59 1.12 -18.47
CA VAL A 604 15.95 1.53 -18.11
C VAL A 604 16.47 0.57 -17.07
N PHE A 605 17.51 -0.19 -17.42
CA PHE A 605 18.09 -1.19 -16.52
C PHE A 605 19.35 -0.63 -15.86
N GLN A 606 19.12 0.16 -14.81
CA GLN A 606 20.21 0.79 -14.08
C GLN A 606 20.01 0.60 -12.58
N MET A 607 21.02 0.05 -11.91
CA MET A 607 20.97 -0.21 -10.48
C MET A 607 21.31 1.03 -9.66
N PRO A 608 22.40 1.76 -9.95
CA PRO A 608 22.71 2.95 -9.12
C PRO A 608 21.70 4.06 -9.36
N HIS A 609 21.21 4.64 -8.26
CA HIS A 609 20.25 5.74 -8.37
C HIS A 609 20.90 6.96 -9.03
N GLN A 610 22.19 7.17 -8.77
CA GLN A 610 22.88 8.31 -9.38
C GLN A 610 22.98 8.16 -10.89
N GLU A 611 23.16 6.93 -11.38
CA GLU A 611 23.40 6.72 -12.80
C GLU A 611 22.10 6.74 -13.61
N ILE A 612 20.96 6.49 -12.97
CA ILE A 612 19.71 6.26 -13.71
C ILE A 612 19.24 7.53 -14.41
N VAL A 613 19.61 8.71 -13.88
CA VAL A 613 19.06 9.95 -14.42
C VAL A 613 19.59 10.21 -15.82
N ASP A 614 20.80 9.75 -16.13
CA ASP A 614 21.32 9.94 -17.48
C ASP A 614 20.44 9.24 -18.50
N SER A 615 20.13 7.97 -18.24
CA SER A 615 19.27 7.23 -19.14
C SER A 615 17.85 7.80 -19.17
N LEU A 616 17.36 8.31 -18.04
CA LEU A 616 16.05 8.96 -18.08
C LEU A 616 16.07 10.20 -18.98
N LYS A 617 17.15 10.96 -18.95
CA LYS A 617 17.29 12.10 -19.86
C LYS A 617 17.27 11.65 -21.31
N LEU A 618 17.99 10.56 -21.60
CA LEU A 618 17.96 10.00 -22.96
C LEU A 618 16.54 9.60 -23.36
N CYS A 619 15.81 8.96 -22.44
CA CYS A 619 14.44 8.55 -22.71
C CYS A 619 13.56 9.75 -23.02
N LEU A 620 13.68 10.81 -22.22
CA LEU A 620 12.84 11.98 -22.43
C LEU A 620 13.12 12.64 -23.78
N VAL A 621 14.40 12.79 -24.13
CA VAL A 621 14.70 13.45 -25.41
C VAL A 621 14.23 12.58 -26.57
N GLY A 622 14.40 11.25 -26.48
CA GLY A 622 13.89 10.40 -27.54
C GLY A 622 12.39 10.46 -27.69
N SER A 623 11.67 10.47 -26.56
CA SER A 623 10.22 10.59 -26.60
C SER A 623 9.80 11.89 -27.27
N LEU A 624 10.47 12.99 -26.92
CA LEU A 624 10.14 14.27 -27.54
C LEU A 624 10.45 14.27 -29.03
N LYS A 625 11.56 13.65 -29.44
CA LYS A 625 11.87 13.58 -30.87
C LYS A 625 10.80 12.80 -31.63
N LYS A 626 10.35 11.67 -31.08
CA LYS A 626 9.28 10.93 -31.73
C LYS A 626 7.98 11.72 -31.76
N TYR A 627 7.70 12.46 -30.68
CA TYR A 627 6.52 13.32 -30.68
C TYR A 627 6.59 14.31 -31.85
N TYR A 628 7.75 14.92 -32.04
CA TYR A 628 7.89 15.82 -33.19
C TYR A 628 7.69 15.07 -34.50
N GLU A 629 8.33 13.92 -34.65
CA GLU A 629 8.31 13.23 -35.94
C GLU A 629 6.93 12.70 -36.30
N VAL A 630 6.06 12.48 -35.31
CA VAL A 630 4.73 11.95 -35.56
C VAL A 630 3.62 13.01 -35.46
N ASN A 631 3.91 14.20 -34.92
CA ASN A 631 2.91 15.25 -34.82
C ASN A 631 3.36 16.60 -35.40
N HIS A 632 4.64 16.77 -35.69
CA HIS A 632 5.16 18.00 -36.30
C HIS A 632 5.04 19.22 -35.38
N CYS A 633 4.78 19.03 -34.10
CA CYS A 633 4.82 20.14 -33.15
C CYS A 633 4.98 19.64 -31.73
N LEU A 634 6.06 20.07 -31.07
CA LEU A 634 6.33 19.63 -29.71
C LEU A 634 5.27 20.14 -28.75
N PRO A 635 5.09 19.47 -27.62
CA PRO A 635 4.15 19.98 -26.61
C PRO A 635 4.78 21.07 -25.76
N GLU A 636 3.91 21.86 -25.14
CA GLU A 636 4.36 22.95 -24.27
C GLU A 636 4.31 22.57 -22.79
N LYS A 637 3.50 21.60 -22.41
CA LYS A 637 3.33 21.18 -21.02
C LYS A 637 3.69 19.71 -20.87
N ILE A 638 4.24 19.35 -19.71
CA ILE A 638 4.60 17.99 -19.38
C ILE A 638 4.10 17.70 -17.97
N VAL A 639 3.47 16.54 -17.79
CA VAL A 639 2.97 16.10 -16.49
C VAL A 639 3.58 14.73 -16.21
N VAL A 640 4.34 14.62 -15.13
CA VAL A 640 5.08 13.39 -14.81
C VAL A 640 4.52 12.82 -13.52
N TYR A 641 3.77 11.72 -13.63
CA TYR A 641 3.25 11.03 -12.46
C TYR A 641 4.30 10.04 -11.96
N ARG A 642 5.32 10.58 -11.31
CA ARG A 642 6.29 9.71 -10.66
C ARG A 642 5.57 8.88 -9.61
N ASP A 643 6.03 7.64 -9.45
CA ASP A 643 5.39 6.70 -8.54
C ASP A 643 6.46 5.85 -7.87
N GLY A 644 6.03 5.00 -6.94
CA GLY A 644 6.94 4.11 -6.25
C GLY A 644 8.02 4.82 -5.47
N VAL A 645 7.70 5.97 -4.88
CA VAL A 645 8.63 6.77 -4.09
C VAL A 645 8.13 6.81 -2.66
N SER A 646 9.01 6.45 -1.73
CA SER A 646 8.64 6.52 -0.32
C SER A 646 8.53 7.98 0.12
N ASP A 647 7.83 8.19 1.24
CA ASP A 647 7.61 9.54 1.73
C ASP A 647 8.94 10.21 2.08
N GLY A 648 9.87 9.46 2.67
CA GLY A 648 11.16 10.04 3.02
C GLY A 648 11.94 10.51 1.81
N GLN A 649 11.92 9.74 0.72
CA GLN A 649 12.65 10.09 -0.48
C GLN A 649 12.03 11.26 -1.23
N LEU A 650 10.77 11.59 -0.96
CA LEU A 650 10.05 12.61 -1.73
C LEU A 650 10.83 13.91 -1.79
N LYS A 651 11.26 14.40 -0.63
CA LYS A 651 12.01 15.66 -0.59
C LYS A 651 13.24 15.58 -1.49
N THR A 652 13.98 14.47 -1.39
CA THR A 652 15.15 14.30 -2.25
C THR A 652 14.74 14.34 -3.71
N VAL A 653 13.65 13.65 -4.07
CA VAL A 653 13.22 13.63 -5.46
C VAL A 653 12.83 15.03 -5.90
N ALA A 654 12.36 15.87 -4.97
CA ALA A 654 11.98 17.23 -5.33
C ALA A 654 13.21 18.13 -5.43
N ASN A 655 14.32 17.74 -4.78
CA ASN A 655 15.47 18.63 -4.70
C ASN A 655 16.45 18.41 -5.84
N TYR A 656 16.79 17.16 -6.11
CA TYR A 656 17.92 16.83 -6.98
C TYR A 656 17.52 16.14 -8.27
N GLU A 657 16.66 15.12 -8.19
CA GLU A 657 16.39 14.31 -9.38
C GLU A 657 15.60 15.09 -10.42
N ILE A 658 14.57 15.82 -10.00
CA ILE A 658 13.74 16.57 -10.95
C ILE A 658 14.52 17.61 -11.72
N PRO A 659 15.29 18.51 -11.08
CA PRO A 659 16.05 19.48 -11.89
C PRO A 659 17.08 18.86 -12.81
N GLN A 660 17.75 17.78 -12.38
CA GLN A 660 18.70 17.13 -13.27
C GLN A 660 17.99 16.51 -14.47
N LEU A 661 16.82 15.91 -14.26
CA LEU A 661 16.04 15.43 -15.40
C LEU A 661 15.62 16.58 -16.31
N GLN A 662 15.26 17.72 -15.71
CA GLN A 662 14.88 18.89 -16.50
C GLN A 662 16.03 19.41 -17.35
N LYS A 663 17.26 19.29 -16.85
CA LYS A 663 18.41 19.92 -17.50
C LYS A 663 18.71 19.36 -18.88
N CYS A 664 18.13 18.21 -19.26
CA CYS A 664 18.36 17.67 -20.60
C CYS A 664 17.67 18.49 -21.68
N PHE A 665 16.77 19.41 -21.33
CA PHE A 665 16.06 20.19 -22.33
C PHE A 665 16.97 21.19 -23.04
N GLU A 666 18.20 21.37 -22.58
CA GLU A 666 19.18 22.16 -23.31
C GLU A 666 19.63 21.48 -24.59
N ALA A 667 19.35 20.19 -24.76
CA ALA A 667 19.68 19.51 -26.01
C ALA A 667 18.94 20.09 -27.19
N PHE A 668 17.77 20.70 -26.94
CA PHE A 668 16.99 21.38 -27.97
C PHE A 668 16.95 22.87 -27.66
N ASP A 669 16.95 23.68 -28.72
CA ASP A 669 17.10 25.12 -28.61
C ASP A 669 15.74 25.81 -28.59
N ASN A 670 15.65 26.86 -27.78
CA ASN A 670 14.45 27.70 -27.71
C ASN A 670 13.21 26.89 -27.37
N TYR A 671 13.37 25.92 -26.47
CA TYR A 671 12.28 25.06 -26.01
C TYR A 671 12.18 25.20 -24.51
N HIS A 672 11.14 25.89 -24.04
CA HIS A 672 10.91 26.13 -22.62
C HIS A 672 9.62 25.46 -22.19
N PRO A 673 9.65 24.25 -21.63
CA PRO A 673 8.41 23.60 -21.22
C PRO A 673 7.97 24.04 -19.82
N LYS A 674 6.81 23.54 -19.41
CA LYS A 674 6.24 23.83 -18.11
C LYS A 674 5.85 22.51 -17.46
N MET A 675 6.74 21.98 -16.63
CA MET A 675 6.53 20.68 -16.02
C MET A 675 5.59 20.79 -14.82
N VAL A 676 4.80 19.75 -14.60
CA VAL A 676 3.89 19.64 -13.46
C VAL A 676 4.09 18.25 -12.90
N VAL A 677 4.97 18.11 -11.92
CA VAL A 677 5.38 16.80 -11.41
C VAL A 677 4.49 16.44 -10.23
N PHE A 678 3.98 15.21 -10.23
CA PHE A 678 3.27 14.64 -9.11
C PHE A 678 4.11 13.54 -8.47
N VAL A 679 3.69 13.10 -7.30
CA VAL A 679 4.14 11.83 -6.71
C VAL A 679 2.90 11.16 -6.15
N VAL A 680 2.67 9.91 -6.54
CA VAL A 680 1.46 9.16 -6.18
C VAL A 680 1.88 7.98 -5.32
N GLN A 681 1.42 7.96 -4.08
CA GLN A 681 1.64 6.85 -3.15
C GLN A 681 0.29 6.25 -2.79
N LYS A 682 0.11 4.97 -3.12
CA LYS A 682 -1.19 4.33 -2.92
C LYS A 682 -1.50 4.15 -1.45
N LYS A 683 -0.51 3.78 -0.65
CA LYS A 683 -0.73 3.38 0.73
C LYS A 683 -0.97 4.60 1.61
N ILE A 684 -2.19 4.74 2.11
CA ILE A 684 -2.52 5.76 3.10
C ILE A 684 -3.43 5.12 4.14
N SER A 685 -3.48 5.74 5.32
CA SER A 685 -4.11 5.16 6.50
C SER A 685 -5.38 5.89 6.93
N THR A 686 -5.86 6.84 6.14
CA THR A 686 -7.09 7.57 6.45
C THR A 686 -8.25 6.98 5.66
N ASN A 687 -9.38 6.80 6.33
CA ASN A 687 -10.60 6.25 5.73
C ASN A 687 -11.68 7.31 5.72
N LEU A 688 -12.60 7.19 4.77
CA LEU A 688 -13.68 8.15 4.57
C LEU A 688 -15.02 7.42 4.56
N TYR A 689 -15.99 7.95 5.30
CA TYR A 689 -17.33 7.38 5.38
C TYR A 689 -18.32 8.41 4.88
N LEU A 690 -19.27 7.97 4.06
CA LEU A 690 -20.36 8.84 3.65
C LEU A 690 -21.46 8.81 4.70
N ALA A 691 -21.99 9.99 5.03
CA ALA A 691 -22.91 10.14 6.16
C ALA A 691 -24.34 9.89 5.68
N ALA A 692 -24.74 8.62 5.70
CA ALA A 692 -26.15 8.29 5.55
C ALA A 692 -26.88 8.63 6.86
N PRO A 693 -28.19 8.92 6.78
CA PRO A 693 -28.85 9.53 7.96
C PRO A 693 -28.81 8.69 9.23
N ASP A 694 -28.90 7.36 9.12
CA ASP A 694 -29.01 6.50 10.30
C ASP A 694 -27.79 5.62 10.55
N HIS A 695 -26.84 5.55 9.62
CA HIS A 695 -25.53 4.97 9.89
C HIS A 695 -24.57 5.51 8.84
N PHE A 696 -23.35 4.97 8.81
CA PHE A 696 -22.36 5.30 7.80
C PHE A 696 -22.30 4.22 6.73
N VAL A 697 -22.06 4.66 5.51
CA VAL A 697 -21.95 3.79 4.34
C VAL A 697 -20.61 4.05 3.67
N THR A 698 -20.36 3.34 2.58
CA THR A 698 -19.11 3.37 1.84
C THR A 698 -19.11 4.52 0.84
N PRO A 699 -18.05 5.34 0.76
CA PRO A 699 -18.11 6.55 -0.09
C PRO A 699 -18.19 6.20 -1.57
N SER A 700 -18.87 7.07 -2.31
CA SER A 700 -19.03 6.85 -3.74
C SER A 700 -17.71 7.11 -4.46
N PRO A 701 -17.47 6.49 -5.61
CA PRO A 701 -16.18 6.72 -6.31
C PRO A 701 -16.12 8.12 -6.90
N GLY A 702 -14.92 8.68 -6.91
CA GLY A 702 -14.70 9.98 -7.53
C GLY A 702 -14.85 11.14 -6.58
N THR A 703 -14.45 10.95 -5.32
CA THR A 703 -14.56 11.98 -4.29
C THR A 703 -13.17 12.49 -3.96
N VAL A 704 -13.00 13.81 -4.03
CA VAL A 704 -11.71 14.45 -3.78
C VAL A 704 -11.84 15.33 -2.55
N VAL A 705 -10.89 15.23 -1.63
CA VAL A 705 -10.85 16.05 -0.43
C VAL A 705 -9.45 16.67 -0.31
N ASP A 706 -9.42 17.97 -0.04
CA ASP A 706 -8.18 18.69 0.20
C ASP A 706 -8.22 19.57 1.44
N HIS A 707 -9.26 19.44 2.27
CA HIS A 707 -9.48 20.33 3.41
C HIS A 707 -9.05 19.65 4.71
N THR A 708 -8.14 20.29 5.44
CA THR A 708 -7.89 19.96 6.84
C THR A 708 -7.32 18.57 7.09
N ILE A 709 -6.99 17.82 6.04
CA ILE A 709 -6.32 16.53 6.21
C ILE A 709 -5.08 16.44 5.33
N THR A 710 -4.92 17.40 4.42
CA THR A 710 -3.75 17.44 3.56
C THR A 710 -2.58 18.11 4.30
N SER A 711 -1.40 18.06 3.70
CA SER A 711 -0.19 18.53 4.35
C SER A 711 -0.06 20.05 4.20
N CYS A 712 0.90 20.63 4.92
CA CYS A 712 1.02 22.07 5.07
C CYS A 712 2.26 22.66 4.40
N GLU A 713 2.99 21.87 3.60
CA GLU A 713 4.10 22.38 2.81
C GLU A 713 3.90 22.19 1.31
N TRP A 714 3.10 21.21 0.90
CA TRP A 714 2.81 20.92 -0.50
C TRP A 714 1.41 21.39 -0.85
N VAL A 715 1.01 21.13 -2.09
CA VAL A 715 -0.35 21.31 -2.57
C VAL A 715 -0.82 19.97 -3.10
N ASP A 716 -1.69 19.30 -2.35
CA ASP A 716 -2.05 17.92 -2.66
C ASP A 716 -3.52 17.71 -2.36
N PHE A 717 -3.98 16.49 -2.67
CA PHE A 717 -5.38 16.14 -2.49
C PHE A 717 -5.49 14.62 -2.36
N TYR A 718 -6.56 14.17 -1.72
CA TYR A 718 -6.87 12.76 -1.54
C TYR A 718 -8.04 12.43 -2.46
N LEU A 719 -7.85 11.43 -3.32
CA LEU A 719 -8.82 11.07 -4.35
C LEU A 719 -9.27 9.63 -4.16
N LEU A 720 -10.59 9.42 -4.11
CA LEU A 720 -11.20 8.10 -4.19
C LEU A 720 -11.75 7.97 -5.61
N ALA A 721 -11.15 7.08 -6.40
CA ALA A 721 -11.45 6.96 -7.82
C ALA A 721 -12.17 5.66 -8.17
N HIS A 722 -11.72 4.55 -7.62
CA HIS A 722 -12.24 3.24 -8.00
C HIS A 722 -13.51 2.92 -7.20
N HIS A 723 -14.18 1.86 -7.63
CA HIS A 723 -15.37 1.37 -6.95
C HIS A 723 -14.98 0.32 -5.92
N VAL A 724 -15.22 0.62 -4.65
CA VAL A 724 -14.98 -0.31 -3.54
C VAL A 724 -16.32 -0.86 -3.12
N ARG A 725 -16.41 -2.21 -3.09
CA ARG A 725 -17.70 -2.89 -2.85
C ARG A 725 -18.24 -2.62 -1.45
N GLN A 726 -17.45 -2.94 -0.44
CA GLN A 726 -17.94 -2.85 0.94
C GLN A 726 -16.84 -2.27 1.81
N GLY A 727 -17.25 -1.72 2.95
CA GLY A 727 -16.30 -1.30 3.96
C GLY A 727 -15.76 0.09 3.73
N CYS A 728 -14.76 0.43 4.54
CA CYS A 728 -14.13 1.74 4.48
C CYS A 728 -13.36 1.91 3.17
N GLY A 729 -13.37 3.13 2.64
CA GLY A 729 -12.66 3.44 1.41
C GLY A 729 -11.32 4.11 1.69
N ILE A 730 -10.34 3.79 0.86
CA ILE A 730 -8.97 4.28 1.01
C ILE A 730 -8.64 5.13 -0.21
N PRO A 731 -8.56 6.48 -0.09
CA PRO A 731 -8.14 7.28 -1.25
C PRO A 731 -6.66 7.18 -1.55
N THR A 732 -6.17 7.98 -2.49
CA THR A 732 -4.75 8.03 -2.87
C THR A 732 -4.26 9.47 -2.78
N HIS A 733 -2.98 9.64 -2.50
CA HIS A 733 -2.39 10.94 -2.18
C HIS A 733 -1.57 11.44 -3.36
N TYR A 734 -1.81 12.70 -3.75
CA TYR A 734 -1.20 13.30 -4.95
C TYR A 734 -0.37 14.51 -4.55
N ILE A 735 0.90 14.27 -4.22
CA ILE A 735 1.80 15.36 -3.87
C ILE A 735 2.29 16.01 -5.14
N CYS A 736 2.18 17.35 -5.21
CA CYS A 736 2.61 18.12 -6.38
C CYS A 736 3.92 18.81 -6.02
N VAL A 737 5.05 18.25 -6.47
CA VAL A 737 6.36 18.70 -6.03
C VAL A 737 6.98 19.70 -7.02
N LEU A 738 6.24 20.07 -8.05
CA LEU A 738 6.68 21.13 -8.96
C LEU A 738 5.52 21.50 -9.86
N ASN A 739 5.30 22.80 -10.03
CA ASN A 739 4.16 23.30 -10.81
C ASN A 739 4.56 24.63 -11.42
N THR A 740 4.94 24.61 -12.70
CA THR A 740 5.28 25.80 -13.45
C THR A 740 4.14 26.28 -14.35
N ALA A 741 3.27 25.37 -14.79
CA ALA A 741 2.20 25.72 -15.70
C ALA A 741 1.06 26.47 -15.04
N ASN A 742 1.06 26.59 -13.71
CA ASN A 742 0.06 27.37 -12.98
C ASN A 742 -1.36 26.86 -13.24
N LEU A 743 -1.53 25.54 -13.12
CA LEU A 743 -2.85 24.94 -13.19
C LEU A 743 -3.60 25.17 -11.88
N SER A 744 -4.90 25.41 -12.00
CA SER A 744 -5.74 25.51 -10.82
C SER A 744 -5.86 24.13 -10.16
N PRO A 745 -6.08 24.07 -8.85
CA PRO A 745 -6.30 22.76 -8.22
C PRO A 745 -7.45 21.98 -8.82
N ASP A 746 -8.50 22.68 -9.26
CA ASP A 746 -9.59 22.01 -9.95
C ASP A 746 -9.12 21.32 -11.21
N HIS A 747 -8.28 22.00 -11.99
CA HIS A 747 -7.84 21.44 -13.27
C HIS A 747 -6.99 20.19 -13.07
N MET A 748 -6.00 20.26 -12.17
CA MET A 748 -5.18 19.08 -11.94
C MET A 748 -6.00 17.94 -11.35
N GLN A 749 -6.93 18.24 -10.44
CA GLN A 749 -7.77 17.19 -9.87
C GLN A 749 -8.60 16.49 -10.96
N ARG A 750 -9.30 17.28 -11.78
CA ARG A 750 -10.12 16.66 -12.81
C ARG A 750 -9.25 15.93 -13.83
N LEU A 751 -8.07 16.46 -14.16
CA LEU A 751 -7.22 15.80 -15.14
C LEU A 751 -6.76 14.44 -14.62
N THR A 752 -6.37 14.35 -13.35
CA THR A 752 -6.01 13.05 -12.81
C THR A 752 -7.19 12.11 -12.79
N PHE A 753 -8.40 12.60 -12.50
CA PHE A 753 -9.56 11.73 -12.57
C PHE A 753 -9.83 11.25 -13.99
N LYS A 754 -9.62 12.11 -15.00
CA LYS A 754 -9.77 11.66 -16.37
C LYS A 754 -8.75 10.58 -16.70
N LEU A 755 -7.51 10.76 -16.27
CA LEU A 755 -6.46 9.80 -16.57
C LEU A 755 -6.65 8.49 -15.84
N CYS A 756 -7.40 8.45 -14.74
CA CYS A 756 -7.68 7.18 -14.10
C CYS A 756 -8.60 6.28 -14.92
N HIS A 757 -9.26 6.80 -15.95
CA HIS A 757 -10.22 6.03 -16.75
C HIS A 757 -9.60 5.36 -17.98
N MET A 758 -8.30 5.55 -18.23
CA MET A 758 -7.69 5.18 -19.50
C MET A 758 -6.77 3.97 -19.37
N TYR A 759 -7.20 2.96 -18.60
CA TYR A 759 -6.48 1.69 -18.49
C TYR A 759 -7.16 0.68 -19.40
N TRP A 760 -6.42 0.17 -20.40
CA TRP A 760 -6.98 -0.66 -21.45
C TRP A 760 -6.87 -2.15 -21.17
N ASN A 761 -6.85 -2.55 -19.90
CA ASN A 761 -6.90 -3.95 -19.51
C ASN A 761 -8.10 -4.29 -18.66
N TRP A 762 -8.57 -3.38 -17.81
CA TRP A 762 -9.74 -3.57 -16.98
C TRP A 762 -10.80 -2.54 -17.35
N PRO A 763 -11.92 -2.90 -17.98
CA PRO A 763 -12.89 -1.86 -18.34
C PRO A 763 -13.58 -1.30 -17.11
N GLY A 764 -13.21 -0.08 -16.75
CA GLY A 764 -13.67 0.51 -15.50
C GLY A 764 -12.63 1.50 -15.01
N THR A 765 -12.77 1.84 -13.73
CA THR A 765 -11.89 2.80 -13.08
C THR A 765 -10.86 2.07 -12.22
N ILE A 766 -9.66 2.63 -12.17
CA ILE A 766 -8.56 2.07 -11.40
C ILE A 766 -8.12 3.08 -10.35
N ARG A 767 -7.11 2.73 -9.55
CA ARG A 767 -6.69 3.59 -8.46
C ARG A 767 -5.76 4.70 -8.95
N VAL A 768 -4.61 4.34 -9.48
CA VAL A 768 -3.61 5.29 -9.97
C VAL A 768 -3.93 5.69 -11.39
N PRO A 769 -3.32 6.73 -11.94
CA PRO A 769 -3.55 7.06 -13.36
C PRO A 769 -3.05 5.93 -14.25
N ALA A 770 -3.60 5.89 -15.45
CA ALA A 770 -3.26 4.81 -16.37
C ALA A 770 -1.76 4.72 -16.67
N PRO A 771 -1.04 5.81 -16.91
CA PRO A 771 0.40 5.67 -17.20
C PRO A 771 1.20 5.01 -16.08
N CYS A 772 0.88 5.25 -14.81
CA CYS A 772 1.60 4.58 -13.73
C CYS A 772 1.34 3.08 -13.77
N LYS A 773 0.08 2.71 -14.05
CA LYS A 773 -0.32 1.29 -14.14
C LYS A 773 0.44 0.62 -15.29
N TYR A 774 0.54 1.31 -16.44
CA TYR A 774 1.26 0.79 -17.59
C TYR A 774 2.75 0.67 -17.31
N ALA A 775 3.33 1.67 -16.65
CA ALA A 775 4.75 1.59 -16.31
C ALA A 775 5.03 0.45 -15.34
N HIS A 776 4.16 0.22 -14.38
CA HIS A 776 4.35 -0.93 -13.49
C HIS A 776 4.24 -2.23 -14.26
N LYS A 777 3.28 -2.35 -15.18
CA LYS A 777 3.15 -3.57 -15.97
C LYS A 777 4.39 -3.80 -16.82
N LEU A 778 4.90 -2.75 -17.46
CA LEU A 778 6.10 -2.88 -18.27
C LEU A 778 7.31 -3.26 -17.44
N ALA A 779 7.48 -2.61 -16.28
CA ALA A 779 8.62 -2.94 -15.42
C ALA A 779 8.52 -4.37 -14.91
N PHE A 780 7.32 -4.80 -14.54
CA PHE A 780 7.12 -6.18 -14.10
C PHE A 780 7.48 -7.16 -15.22
N LEU A 781 6.98 -6.91 -16.43
CA LEU A 781 7.27 -7.80 -17.55
C LEU A 781 8.77 -7.84 -17.84
N SER A 782 9.43 -6.69 -17.85
CA SER A 782 10.82 -6.63 -18.24
C SER A 782 11.78 -7.11 -17.16
N GLY A 783 11.40 -7.03 -15.89
CA GLY A 783 12.30 -7.39 -14.81
C GLY A 783 12.06 -8.77 -14.25
N GLN A 784 10.80 -9.21 -14.26
CA GLN A 784 10.45 -10.52 -13.74
C GLN A 784 10.48 -11.61 -14.81
N ILE A 785 10.00 -11.33 -16.01
CA ILE A 785 9.83 -12.34 -17.04
C ILE A 785 10.99 -12.31 -18.02
N LEU A 786 11.15 -11.20 -18.72
CA LEU A 786 12.14 -11.13 -19.79
C LEU A 786 13.56 -11.05 -19.26
N HIS A 787 13.77 -10.30 -18.18
CA HIS A 787 15.11 -10.05 -17.63
C HIS A 787 16.02 -9.36 -18.65
N HIS A 788 15.44 -8.70 -19.64
CA HIS A 788 16.21 -8.08 -20.72
C HIS A 788 15.34 -7.00 -21.34
N GLU A 789 15.99 -6.04 -21.99
CA GLU A 789 15.14 -4.99 -22.54
C GLU A 789 14.43 -5.50 -23.79
N PRO A 790 13.14 -5.20 -23.99
CA PRO A 790 12.46 -5.66 -25.21
C PRO A 790 13.05 -5.01 -26.45
N ALA A 791 12.54 -5.44 -27.60
CA ALA A 791 13.01 -4.91 -28.88
C ALA A 791 12.41 -3.54 -29.15
N ILE A 792 13.09 -2.78 -30.01
CA ILE A 792 12.72 -1.40 -30.26
C ILE A 792 11.40 -1.33 -31.05
N GLN A 793 11.22 -2.22 -32.02
CA GLN A 793 10.08 -2.11 -32.92
C GLN A 793 8.75 -2.43 -32.24
N LEU A 794 8.77 -3.15 -31.11
CA LEU A 794 7.53 -3.40 -30.38
C LEU A 794 7.06 -2.18 -29.59
N CYS A 795 7.95 -1.26 -29.22
CA CYS A 795 7.64 -0.22 -28.26
C CYS A 795 6.77 0.90 -28.84
N GLY A 796 6.33 0.77 -30.09
CA GLY A 796 5.35 1.69 -30.63
C GLY A 796 3.93 1.35 -30.29
N ASN A 797 3.69 0.21 -29.64
CA ASN A 797 2.36 -0.24 -29.25
C ASN A 797 2.40 -0.73 -27.81
N LEU A 798 1.23 -1.01 -27.25
CA LEU A 798 1.13 -1.57 -25.91
C LEU A 798 1.36 -3.08 -25.98
N PHE A 799 2.59 -3.44 -26.32
CA PHE A 799 2.96 -4.84 -26.46
C PHE A 799 2.96 -5.59 -25.13
N PHE A 800 3.01 -4.88 -24.00
CA PHE A 800 3.31 -5.50 -22.71
C PHE A 800 2.07 -5.95 -21.95
N LEU A 801 0.87 -5.67 -22.44
CA LEU A 801 -0.35 -6.05 -21.73
C LEU A 801 -0.48 -7.56 -21.63
#